data_3M6R
#
_entry.id   3M6R
#
_cell.length_a   66.640
_cell.length_b   66.730
_cell.length_c   189.690
_cell.angle_alpha   90.00
_cell.angle_beta   90.00
_cell.angle_gamma   90.00
#
_symmetry.space_group_name_H-M   'P 21 21 21'
#
loop_
_entity.id
_entity.type
_entity.pdbx_description
1 polymer 'Peptide deformylase 1B'
2 non-polymer ACTINONIN
3 non-polymer 'ZINC ION'
4 water water
#
_entity_poly.entity_id   1
_entity_poly.type   'polypeptide(L)'
_entity_poly.pdbx_seq_one_letter_code
;MEIVEYPDPILRAKNKRIDIFDENLKNLVDAMFDVMYKTDMIGLSAPQVGLNVQLMVFNPAGEPGEGKEIVLVNPKIKKY
SDKLVPFDEGCLSFPGIYAEVVRPQSVKIDARDITGERFSISLSRLPARIFQHEYDHLEGVLFFDRMTDQVLDSIREELE
ALEKKYEEKTGLPSPERVEARQKRKAGVGFGKR
;
_entity_poly.pdbx_strand_id   A,B,C,D
#
loop_
_chem_comp.id
_chem_comp.type
_chem_comp.name
_chem_comp.formula
BB2 non-polymer ACTINONIN 'C19 H35 N3 O5'
ZN non-polymer 'ZINC ION' 'Zn 2'
#
# COMPACT_ATOMS: atom_id res chain seq x y z
N MET A 1 -22.90 1.77 -4.17
CA MET A 1 -24.20 1.03 -4.11
C MET A 1 -23.93 -0.46 -4.16
N GLU A 2 -24.98 -1.24 -3.92
CA GLU A 2 -24.86 -2.71 -3.93
C GLU A 2 -25.81 -3.31 -4.98
N ILE A 3 -25.28 -4.26 -5.75
CA ILE A 3 -26.04 -4.93 -6.81
C ILE A 3 -26.94 -6.04 -6.27
N VAL A 4 -28.21 -6.01 -6.65
CA VAL A 4 -29.17 -7.02 -6.21
C VAL A 4 -29.11 -8.22 -7.15
N GLU A 5 -28.92 -9.41 -6.61
CA GLU A 5 -28.85 -10.61 -7.43
C GLU A 5 -29.94 -11.60 -7.12
N TYR A 6 -30.23 -12.46 -8.09
CA TYR A 6 -31.23 -13.52 -7.95
C TYR A 6 -30.80 -14.45 -6.79
N PRO A 7 -31.74 -14.98 -6.00
CA PRO A 7 -33.19 -14.87 -6.01
C PRO A 7 -33.75 -13.81 -5.04
N ASP A 8 -32.99 -12.74 -4.82
CA ASP A 8 -33.45 -11.67 -3.94
C ASP A 8 -34.85 -11.24 -4.36
N PRO A 9 -35.77 -11.10 -3.39
CA PRO A 9 -37.17 -10.70 -3.61
C PRO A 9 -37.40 -9.32 -4.24
N ILE A 10 -36.41 -8.44 -4.10
CA ILE A 10 -36.48 -7.11 -4.65
C ILE A 10 -36.71 -7.14 -6.17
N LEU A 11 -36.14 -8.13 -6.84
CA LEU A 11 -36.29 -8.23 -8.30
C LEU A 11 -37.67 -8.75 -8.70
N ARG A 12 -38.53 -9.04 -7.73
CA ARG A 12 -39.86 -9.55 -8.04
C ARG A 12 -40.98 -8.62 -7.61
N ALA A 13 -40.71 -7.83 -6.57
CA ALA A 13 -41.68 -6.89 -6.03
C ALA A 13 -42.08 -5.83 -7.06
N LYS A 14 -43.39 -5.54 -7.14
CA LYS A 14 -43.94 -4.55 -8.05
C LYS A 14 -43.17 -3.23 -7.84
N ASN A 15 -42.98 -2.47 -8.92
CA ASN A 15 -42.24 -1.20 -8.84
C ASN A 15 -43.17 -0.01 -9.00
N LYS A 16 -42.92 1.03 -8.21
CA LYS A 16 -43.75 2.23 -8.25
C LYS A 16 -43.35 3.19 -9.36
N ARG A 17 -44.35 3.89 -9.92
CA ARG A 17 -44.11 4.87 -10.97
C ARG A 17 -43.41 6.06 -10.34
N ILE A 18 -42.50 6.69 -11.07
CA ILE A 18 -41.81 7.86 -10.54
C ILE A 18 -42.67 9.08 -10.84
N ASP A 19 -43.02 9.84 -9.79
CA ASP A 19 -43.86 11.02 -9.95
C ASP A 19 -43.14 12.33 -9.63
N ILE A 20 -41.87 12.24 -9.26
CA ILE A 20 -41.05 13.41 -8.94
C ILE A 20 -39.79 13.40 -9.79
N PHE A 21 -39.59 14.44 -10.60
CA PHE A 21 -38.42 14.52 -11.47
C PHE A 21 -37.46 15.63 -11.05
N ASP A 22 -36.76 15.41 -9.94
CA ASP A 22 -35.82 16.38 -9.40
C ASP A 22 -34.34 16.06 -9.65
N GLU A 23 -33.48 16.62 -8.82
CA GLU A 23 -32.03 16.41 -8.92
C GLU A 23 -31.64 15.06 -8.33
N ASN A 24 -32.52 14.49 -7.50
CA ASN A 24 -32.25 13.20 -6.89
C ASN A 24 -32.53 12.07 -7.87
N LEU A 25 -33.27 12.37 -8.93
CA LEU A 25 -33.58 11.40 -9.96
C LEU A 25 -32.46 11.52 -10.98
N LYS A 26 -31.99 12.76 -11.14
CA LYS A 26 -30.91 13.05 -12.07
C LYS A 26 -29.64 12.38 -11.57
N ASN A 27 -29.45 12.41 -10.25
CA ASN A 27 -28.29 11.79 -9.64
C ASN A 27 -28.36 10.27 -9.66
N LEU A 28 -29.56 9.71 -9.48
CA LEU A 28 -29.73 8.27 -9.52
C LEU A 28 -29.42 7.74 -10.92
N VAL A 29 -29.95 8.40 -11.95
CA VAL A 29 -29.69 7.97 -13.31
C VAL A 29 -28.19 7.98 -13.53
N ASP A 30 -27.55 9.07 -13.15
CA ASP A 30 -26.10 9.17 -13.30
C ASP A 30 -25.42 7.98 -12.66
N ALA A 31 -25.77 7.71 -11.42
CA ALA A 31 -25.18 6.58 -10.69
C ALA A 31 -25.48 5.27 -11.41
N MET A 32 -26.71 5.12 -11.89
CA MET A 32 -27.10 3.90 -12.59
C MET A 32 -26.22 3.65 -13.83
N PHE A 33 -25.78 4.72 -14.47
CA PHE A 33 -24.93 4.64 -15.63
C PHE A 33 -23.52 4.22 -15.23
N ASP A 34 -23.08 4.70 -14.08
CA ASP A 34 -21.75 4.39 -13.58
C ASP A 34 -21.68 2.95 -13.16
N VAL A 35 -22.78 2.44 -12.60
CA VAL A 35 -22.80 1.04 -12.21
C VAL A 35 -22.70 0.26 -13.50
N MET A 36 -23.49 0.67 -14.48
CA MET A 36 -23.52 0.00 -15.78
C MET A 36 -22.13 -0.05 -16.37
N TYR A 37 -21.48 1.11 -16.46
CA TYR A 37 -20.15 1.17 -17.02
C TYR A 37 -19.10 0.37 -16.25
N LYS A 38 -19.14 0.45 -14.92
CA LYS A 38 -18.17 -0.29 -14.11
C LYS A 38 -18.33 -1.80 -14.18
N THR A 39 -19.57 -2.27 -14.33
CA THR A 39 -19.83 -3.70 -14.38
C THR A 39 -19.81 -4.24 -15.80
N ASP A 40 -19.43 -3.39 -16.74
CA ASP A 40 -19.37 -3.78 -18.16
C ASP A 40 -20.70 -4.24 -18.75
N MET A 41 -21.80 -3.62 -18.33
CA MET A 41 -23.10 -3.99 -18.86
C MET A 41 -23.50 -2.96 -19.94
N ILE A 42 -24.59 -3.21 -20.64
CA ILE A 42 -25.02 -2.26 -21.66
C ILE A 42 -26.35 -1.64 -21.28
N GLY A 43 -26.85 -2.03 -20.10
CA GLY A 43 -28.11 -1.51 -19.61
C GLY A 43 -28.28 -1.79 -18.12
N LEU A 44 -29.29 -1.19 -17.51
CA LEU A 44 -29.52 -1.38 -16.09
C LEU A 44 -30.91 -0.90 -15.67
N SER A 45 -31.53 -1.60 -14.74
CA SER A 45 -32.85 -1.20 -14.25
C SER A 45 -32.73 -0.89 -12.76
N ALA A 46 -33.69 -0.13 -12.26
CA ALA A 46 -33.72 0.29 -10.85
C ALA A 46 -33.66 -0.84 -9.83
N PRO A 47 -34.53 -1.85 -9.96
CA PRO A 47 -34.48 -2.94 -8.98
C PRO A 47 -33.09 -3.53 -8.74
N GLN A 48 -32.28 -3.59 -9.79
CA GLN A 48 -30.96 -4.17 -9.70
C GLN A 48 -30.00 -3.43 -8.78
N VAL A 49 -30.37 -2.22 -8.40
CA VAL A 49 -29.54 -1.43 -7.49
C VAL A 49 -30.27 -1.20 -6.17
N GLY A 50 -31.32 -1.98 -5.95
CA GLY A 50 -32.08 -1.90 -4.71
C GLY A 50 -33.21 -0.90 -4.63
N LEU A 51 -33.66 -0.38 -5.77
CA LEU A 51 -34.73 0.60 -5.78
C LEU A 51 -35.87 0.15 -6.67
N ASN A 52 -37.02 -0.11 -6.05
CA ASN A 52 -38.16 -0.58 -6.81
C ASN A 52 -38.97 0.51 -7.52
N VAL A 53 -38.32 1.25 -8.41
CA VAL A 53 -38.99 2.31 -9.16
C VAL A 53 -38.90 2.03 -10.65
N GLN A 54 -39.89 2.49 -11.41
CA GLN A 54 -39.92 2.27 -12.86
C GLN A 54 -38.94 3.15 -13.63
N LEU A 55 -37.65 2.83 -13.50
CA LEU A 55 -36.59 3.57 -14.15
C LEU A 55 -35.52 2.64 -14.75
N MET A 56 -35.09 2.91 -15.99
CA MET A 56 -34.05 2.11 -16.64
C MET A 56 -33.09 2.99 -17.44
N VAL A 57 -31.92 2.44 -17.75
CA VAL A 57 -30.91 3.14 -18.55
C VAL A 57 -30.17 2.14 -19.42
N PHE A 58 -29.67 2.60 -20.56
CA PHE A 58 -28.90 1.74 -21.45
C PHE A 58 -28.17 2.49 -22.54
N ASN A 59 -27.06 1.92 -22.99
CA ASN A 59 -26.25 2.50 -24.05
C ASN A 59 -25.84 1.34 -24.92
N PRO A 60 -26.51 1.16 -26.07
CA PRO A 60 -26.17 0.06 -26.97
C PRO A 60 -24.68 -0.09 -27.26
N ALA A 61 -24.00 1.03 -27.50
CA ALA A 61 -22.56 1.02 -27.78
C ALA A 61 -21.77 0.34 -26.66
N GLY A 62 -22.24 0.51 -25.42
CA GLY A 62 -21.58 -0.10 -24.27
C GLY A 62 -20.25 0.51 -23.84
N GLU A 63 -19.87 1.65 -24.42
CA GLU A 63 -18.60 2.25 -24.07
C GLU A 63 -18.68 3.75 -23.82
N PRO A 64 -17.91 4.24 -22.83
CA PRO A 64 -17.89 5.67 -22.50
C PRO A 64 -17.63 6.55 -23.71
N GLY A 65 -18.41 7.61 -23.85
CA GLY A 65 -18.22 8.51 -24.97
C GLY A 65 -18.56 7.93 -26.34
N GLU A 66 -19.39 6.90 -26.37
CA GLU A 66 -19.80 6.32 -27.64
C GLU A 66 -21.29 6.06 -27.57
N GLY A 67 -21.91 5.77 -28.71
CA GLY A 67 -23.35 5.51 -28.73
C GLY A 67 -24.12 6.64 -28.11
N LYS A 68 -25.30 6.32 -27.55
CA LYS A 68 -26.16 7.32 -26.90
C LYS A 68 -26.72 6.83 -25.56
N GLU A 69 -26.58 7.66 -24.53
CA GLU A 69 -27.10 7.32 -23.21
C GLU A 69 -28.61 7.54 -23.20
N ILE A 70 -29.35 6.42 -23.21
CA ILE A 70 -30.80 6.43 -23.24
C ILE A 70 -31.44 6.14 -21.88
N VAL A 71 -32.40 6.99 -21.50
CA VAL A 71 -33.10 6.84 -20.23
C VAL A 71 -34.62 6.91 -20.38
N LEU A 72 -35.29 5.92 -19.79
CA LEU A 72 -36.76 5.86 -19.84
C LEU A 72 -37.36 5.67 -18.45
N VAL A 73 -38.40 6.44 -18.17
CA VAL A 73 -39.11 6.35 -16.89
C VAL A 73 -40.57 6.01 -17.15
N ASN A 74 -41.15 5.18 -16.28
CA ASN A 74 -42.53 4.76 -16.41
C ASN A 74 -42.90 4.39 -17.85
N PRO A 75 -42.02 3.66 -18.56
CA PRO A 75 -42.36 3.30 -19.94
C PRO A 75 -43.47 2.26 -20.00
N LYS A 76 -44.04 2.09 -21.19
CA LYS A 76 -45.09 1.11 -21.43
C LYS A 76 -44.98 0.68 -22.88
N ILE A 77 -44.97 -0.62 -23.12
CA ILE A 77 -44.87 -1.11 -24.48
C ILE A 77 -46.23 -1.07 -25.13
N LYS A 78 -46.36 -0.25 -26.17
CA LYS A 78 -47.60 -0.12 -26.89
C LYS A 78 -47.79 -1.22 -27.92
N LYS A 79 -46.70 -1.85 -28.36
CA LYS A 79 -46.81 -2.93 -29.33
C LYS A 79 -45.53 -3.72 -29.58
N TYR A 80 -45.69 -5.04 -29.69
CA TYR A 80 -44.60 -5.98 -29.94
C TYR A 80 -44.73 -6.47 -31.38
N SER A 81 -43.63 -6.45 -32.14
CA SER A 81 -43.70 -6.93 -33.51
C SER A 81 -44.08 -8.41 -33.43
N ASP A 82 -44.60 -8.95 -34.51
CA ASP A 82 -44.98 -10.36 -34.55
C ASP A 82 -43.72 -11.21 -34.76
N LYS A 83 -42.69 -10.62 -35.33
CA LYS A 83 -41.44 -11.32 -35.60
C LYS A 83 -40.60 -11.56 -34.35
N LEU A 84 -40.27 -12.82 -34.10
CA LEU A 84 -39.46 -13.21 -32.95
C LEU A 84 -38.05 -13.62 -33.37
N VAL A 85 -37.05 -13.02 -32.75
CA VAL A 85 -35.68 -13.35 -33.09
C VAL A 85 -34.90 -13.82 -31.86
N PRO A 86 -34.00 -14.80 -32.04
CA PRO A 86 -33.20 -15.32 -30.93
C PRO A 86 -31.95 -14.45 -30.70
N PHE A 87 -31.43 -14.47 -29.48
CA PHE A 87 -30.24 -13.69 -29.16
C PHE A 87 -29.73 -14.10 -27.77
N ASP A 88 -28.43 -14.22 -27.60
CA ASP A 88 -27.88 -14.61 -26.32
C ASP A 88 -27.87 -13.42 -25.35
N GLU A 89 -28.24 -13.69 -24.11
CA GLU A 89 -28.32 -12.66 -23.09
C GLU A 89 -27.63 -13.00 -21.79
N GLY A 90 -27.12 -11.96 -21.13
CA GLY A 90 -26.51 -12.12 -19.83
C GLY A 90 -27.35 -11.22 -18.91
N CYS A 91 -27.11 -11.24 -17.60
CA CYS A 91 -27.82 -10.38 -16.65
C CYS A 91 -26.97 -10.16 -15.39
N LEU A 92 -26.78 -8.91 -15.03
CA LEU A 92 -26.01 -8.53 -13.86
C LEU A 92 -26.56 -9.17 -12.57
N SER A 93 -27.83 -9.57 -12.57
CA SER A 93 -28.38 -10.17 -11.37
C SER A 93 -28.14 -11.69 -11.28
N PHE A 94 -27.62 -12.27 -12.36
CA PHE A 94 -27.33 -13.70 -12.42
C PHE A 94 -25.90 -13.85 -12.89
N PRO A 95 -24.94 -13.46 -12.04
CA PRO A 95 -23.53 -13.55 -12.41
C PRO A 95 -23.12 -14.86 -13.11
N GLY A 96 -22.57 -14.72 -14.31
CA GLY A 96 -22.10 -15.87 -15.07
C GLY A 96 -23.03 -16.67 -15.98
N ILE A 97 -24.33 -16.43 -15.89
CA ILE A 97 -25.29 -17.19 -16.70
C ILE A 97 -25.63 -16.56 -18.06
N TYR A 98 -25.33 -17.27 -19.15
CA TYR A 98 -25.63 -16.80 -20.50
C TYR A 98 -26.51 -17.81 -21.21
N ALA A 99 -27.53 -17.32 -21.90
CA ALA A 99 -28.42 -18.20 -22.63
C ALA A 99 -29.15 -17.47 -23.74
N GLU A 100 -29.88 -18.26 -24.52
CA GLU A 100 -30.65 -17.77 -25.64
C GLU A 100 -32.06 -17.39 -25.22
N VAL A 101 -32.52 -16.22 -25.64
CA VAL A 101 -33.88 -15.80 -25.35
C VAL A 101 -34.53 -15.32 -26.64
N VAL A 102 -35.74 -15.79 -26.92
CA VAL A 102 -36.45 -15.35 -28.11
C VAL A 102 -37.31 -14.15 -27.69
N ARG A 103 -37.18 -13.05 -28.41
CA ARG A 103 -37.97 -11.86 -28.10
C ARG A 103 -38.42 -11.25 -29.42
N PRO A 104 -39.47 -10.42 -29.38
CA PRO A 104 -39.95 -9.77 -30.63
C PRO A 104 -38.77 -8.90 -31.09
N GLN A 105 -38.59 -8.76 -32.40
CA GLN A 105 -37.48 -7.97 -32.91
C GLN A 105 -37.61 -6.46 -32.73
N SER A 106 -38.84 -5.95 -32.77
CA SER A 106 -39.04 -4.51 -32.61
C SER A 106 -40.11 -4.18 -31.58
N VAL A 107 -40.26 -2.89 -31.30
CA VAL A 107 -41.24 -2.47 -30.32
C VAL A 107 -41.49 -0.96 -30.36
N LYS A 108 -42.73 -0.57 -30.05
CA LYS A 108 -43.13 0.84 -30.00
C LYS A 108 -43.28 1.15 -28.53
N ILE A 109 -42.79 2.31 -28.11
CA ILE A 109 -42.84 2.68 -26.71
C ILE A 109 -43.39 4.07 -26.41
N ASP A 110 -43.82 4.24 -25.16
CA ASP A 110 -44.34 5.49 -24.60
C ASP A 110 -43.59 5.63 -23.28
N ALA A 111 -43.01 6.80 -23.02
CA ALA A 111 -42.29 7.00 -21.77
C ALA A 111 -42.04 8.47 -21.46
N ARG A 112 -41.34 8.73 -20.36
CA ARG A 112 -41.03 10.10 -19.96
C ARG A 112 -39.51 10.22 -19.80
N ASP A 113 -38.96 11.40 -20.07
CA ASP A 113 -37.53 11.61 -19.94
C ASP A 113 -37.10 12.01 -18.53
N ILE A 114 -35.85 12.42 -18.40
CA ILE A 114 -35.29 12.82 -17.12
C ILE A 114 -36.02 13.99 -16.46
N THR A 115 -37.04 14.54 -17.13
CA THR A 115 -37.77 15.67 -16.58
C THR A 115 -39.28 15.42 -16.42
N GLY A 116 -39.86 14.61 -17.29
CA GLY A 116 -41.28 14.32 -17.16
C GLY A 116 -42.07 14.41 -18.45
N GLU A 117 -41.46 15.01 -19.47
CA GLU A 117 -42.14 15.17 -20.77
C GLU A 117 -42.45 13.83 -21.42
N ARG A 118 -43.74 13.58 -21.66
CA ARG A 118 -44.19 12.34 -22.29
C ARG A 118 -43.72 12.25 -23.75
N PHE A 119 -43.23 11.08 -24.16
CA PHE A 119 -42.79 10.89 -25.53
C PHE A 119 -42.94 9.45 -26.02
N SER A 120 -42.87 9.26 -27.33
CA SER A 120 -42.96 7.94 -27.94
C SER A 120 -41.74 7.71 -28.81
N ILE A 121 -41.39 6.44 -28.97
CA ILE A 121 -40.25 6.07 -29.77
C ILE A 121 -40.43 4.61 -30.14
N SER A 122 -39.90 4.22 -31.29
CA SER A 122 -39.96 2.85 -31.77
C SER A 122 -38.51 2.35 -31.82
N LEU A 123 -38.31 1.08 -31.44
CA LEU A 123 -36.97 0.52 -31.42
C LEU A 123 -36.85 -0.77 -32.20
N SER A 124 -35.63 -1.08 -32.62
CA SER A 124 -35.34 -2.29 -33.39
C SER A 124 -33.91 -2.78 -33.10
N ARG A 125 -33.54 -3.90 -33.70
CA ARG A 125 -32.19 -4.46 -33.49
C ARG A 125 -31.81 -4.55 -32.00
N LEU A 126 -30.56 -4.27 -31.69
CA LEU A 126 -30.06 -4.34 -30.34
C LEU A 126 -30.76 -3.43 -29.31
N PRO A 127 -31.05 -2.18 -29.68
CA PRO A 127 -31.72 -1.26 -28.74
C PRO A 127 -33.03 -1.83 -28.20
N ALA A 128 -33.75 -2.51 -29.10
CA ALA A 128 -35.02 -3.15 -28.79
C ALA A 128 -34.81 -4.34 -27.87
N ARG A 129 -33.67 -4.96 -28.03
CA ARG A 129 -33.32 -6.11 -27.24
C ARG A 129 -33.08 -5.74 -25.78
N ILE A 130 -32.27 -4.70 -25.60
CA ILE A 130 -31.90 -4.18 -24.30
C ILE A 130 -33.13 -3.64 -23.57
N PHE A 131 -33.90 -2.82 -24.26
CA PHE A 131 -35.10 -2.27 -23.66
C PHE A 131 -36.04 -3.34 -23.11
N GLN A 132 -36.30 -4.39 -23.89
CA GLN A 132 -37.21 -5.45 -23.44
C GLN A 132 -36.69 -6.22 -22.23
N HIS A 133 -35.38 -6.38 -22.15
CA HIS A 133 -34.79 -7.08 -21.02
C HIS A 133 -35.01 -6.24 -19.75
N GLU A 134 -34.81 -4.93 -19.88
CA GLU A 134 -34.97 -3.99 -18.76
C GLU A 134 -36.46 -3.84 -18.41
N TYR A 135 -37.29 -3.65 -19.43
CA TYR A 135 -38.72 -3.52 -19.20
C TYR A 135 -39.21 -4.74 -18.42
N ASP A 136 -38.74 -5.93 -18.79
CA ASP A 136 -39.13 -7.12 -18.05
C ASP A 136 -38.76 -6.88 -16.59
N HIS A 137 -37.54 -6.38 -16.39
CA HIS A 137 -37.08 -6.11 -15.05
C HIS A 137 -38.05 -5.21 -14.28
N LEU A 138 -38.48 -4.13 -14.92
CA LEU A 138 -39.38 -3.19 -14.26
C LEU A 138 -40.69 -3.84 -13.90
N GLU A 139 -40.99 -4.98 -14.50
CA GLU A 139 -42.21 -5.70 -14.20
C GLU A 139 -42.01 -6.97 -13.39
N GLY A 140 -40.89 -7.05 -12.69
CA GLY A 140 -40.60 -8.23 -11.89
C GLY A 140 -40.38 -9.50 -12.70
N VAL A 141 -40.09 -9.34 -13.98
CA VAL A 141 -39.84 -10.47 -14.86
C VAL A 141 -38.34 -10.63 -15.10
N LEU A 142 -37.84 -11.86 -14.95
CA LEU A 142 -36.42 -12.13 -15.14
C LEU A 142 -36.21 -12.92 -16.42
N PHE A 143 -35.01 -12.86 -17.01
CA PHE A 143 -34.83 -13.55 -18.29
C PHE A 143 -35.02 -15.05 -18.41
N PHE A 144 -34.85 -15.83 -17.34
CA PHE A 144 -35.07 -17.26 -17.51
C PHE A 144 -36.55 -17.57 -17.67
N ASP A 145 -37.42 -16.67 -17.21
CA ASP A 145 -38.86 -16.85 -17.36
C ASP A 145 -39.19 -16.93 -18.86
N ARG A 146 -38.42 -16.20 -19.67
CA ARG A 146 -38.61 -16.13 -21.12
C ARG A 146 -38.03 -17.30 -21.91
N MET A 147 -37.02 -17.97 -21.35
CA MET A 147 -36.38 -19.09 -22.01
C MET A 147 -37.29 -20.28 -22.21
N THR A 148 -36.90 -21.15 -23.12
CA THR A 148 -37.66 -22.37 -23.39
C THR A 148 -37.23 -23.41 -22.37
N ASP A 149 -38.01 -24.47 -22.21
CA ASP A 149 -37.68 -25.49 -21.23
C ASP A 149 -36.30 -26.04 -21.51
N GLN A 150 -36.01 -26.27 -22.79
CA GLN A 150 -34.72 -26.80 -23.23
C GLN A 150 -33.57 -25.94 -22.72
N VAL A 151 -33.65 -24.62 -22.98
CA VAL A 151 -32.64 -23.66 -22.57
C VAL A 151 -32.56 -23.50 -21.03
N LEU A 152 -33.72 -23.51 -20.37
CA LEU A 152 -33.73 -23.36 -18.93
C LEU A 152 -33.04 -24.55 -18.30
N ASP A 153 -33.37 -25.75 -18.79
CA ASP A 153 -32.78 -26.97 -18.26
C ASP A 153 -31.25 -26.92 -18.27
N SER A 154 -30.67 -26.11 -19.16
CA SER A 154 -29.22 -26.02 -19.24
C SER A 154 -28.62 -24.98 -18.28
N ILE A 155 -29.44 -24.33 -17.46
CA ILE A 155 -28.91 -23.35 -16.51
C ILE A 155 -29.51 -23.58 -15.11
N ARG A 156 -30.29 -24.64 -14.98
CA ARG A 156 -30.91 -24.96 -13.69
C ARG A 156 -29.93 -25.01 -12.53
N GLU A 157 -28.82 -25.69 -12.74
CA GLU A 157 -27.82 -25.82 -11.69
C GLU A 157 -27.23 -24.50 -11.31
N GLU A 158 -26.86 -23.70 -12.30
CA GLU A 158 -26.33 -22.38 -12.01
C GLU A 158 -27.35 -21.60 -11.18
N LEU A 159 -28.63 -21.73 -11.52
CA LEU A 159 -29.67 -21.03 -10.78
C LEU A 159 -29.76 -21.60 -9.37
N GLU A 160 -29.77 -22.92 -9.27
CA GLU A 160 -29.85 -23.57 -7.96
C GLU A 160 -28.65 -23.17 -7.11
N ALA A 161 -27.48 -23.07 -7.75
CA ALA A 161 -26.29 -22.66 -7.04
C ALA A 161 -26.53 -21.29 -6.42
N LEU A 162 -27.00 -20.34 -7.23
CA LEU A 162 -27.27 -19.00 -6.73
C LEU A 162 -28.24 -19.08 -5.55
N GLU A 163 -29.23 -19.95 -5.66
CA GLU A 163 -30.21 -20.11 -4.60
C GLU A 163 -29.55 -20.59 -3.31
N LYS A 164 -28.52 -21.41 -3.45
CA LYS A 164 -27.81 -21.95 -2.29
C LYS A 164 -27.04 -20.82 -1.61
N LYS A 165 -26.62 -19.83 -2.40
CA LYS A 165 -25.92 -18.68 -1.85
C LYS A 165 -26.85 -17.83 -1.00
N TYR A 166 -28.02 -17.51 -1.55
CA TYR A 166 -28.99 -16.70 -0.82
C TYR A 166 -29.29 -17.34 0.54
N GLU A 167 -29.35 -18.67 0.56
CA GLU A 167 -29.64 -19.40 1.79
C GLU A 167 -28.47 -19.40 2.74
N GLU A 168 -27.26 -19.55 2.21
CA GLU A 168 -26.08 -19.55 3.04
C GLU A 168 -25.96 -18.25 3.80
N LYS A 169 -26.28 -17.13 3.14
CA LYS A 169 -26.18 -15.80 3.75
C LYS A 169 -27.35 -15.38 4.63
N THR A 170 -28.52 -16.00 4.44
CA THR A 170 -29.71 -15.63 5.21
C THR A 170 -30.30 -16.75 6.06
N GLY A 171 -29.68 -17.93 6.01
CA GLY A 171 -30.14 -19.07 6.78
C GLY A 171 -31.58 -19.47 6.49
N LEU A 172 -32.24 -18.69 5.64
CA LEU A 172 -33.63 -18.95 5.27
C LEU A 172 -33.77 -19.66 3.93
N PRO A 173 -34.93 -20.31 3.69
CA PRO A 173 -35.23 -21.04 2.47
C PRO A 173 -35.31 -20.05 1.30
N SER A 174 -34.73 -20.42 0.16
CA SER A 174 -34.74 -19.55 -1.01
C SER A 174 -36.18 -19.09 -1.27
N PRO A 175 -36.39 -17.76 -1.37
CA PRO A 175 -37.73 -17.23 -1.61
C PRO A 175 -38.37 -17.82 -2.89
N GLU A 176 -37.52 -18.13 -3.87
CA GLU A 176 -38.00 -18.74 -5.11
C GLU A 176 -37.01 -19.81 -5.56
N ARG A 177 -37.54 -20.93 -6.04
CA ARG A 177 -36.72 -22.03 -6.53
C ARG A 177 -37.15 -22.33 -7.95
N VAL A 178 -36.18 -22.66 -8.79
CA VAL A 178 -36.46 -22.98 -10.18
C VAL A 178 -37.01 -24.41 -10.32
N GLU A 179 -37.08 -25.14 -9.20
CA GLU A 179 -37.62 -26.51 -9.23
C GLU A 179 -39.13 -26.37 -9.37
N ALA A 180 -39.70 -25.41 -8.64
CA ALA A 180 -41.13 -25.17 -8.68
C ALA A 180 -41.54 -24.80 -10.09
N MET B 1 -14.01 6.12 -27.30
CA MET B 1 -13.00 6.82 -26.47
C MET B 1 -11.74 5.97 -26.34
N GLU B 2 -10.63 6.52 -26.79
CA GLU B 2 -9.34 5.82 -26.77
C GLU B 2 -8.42 6.29 -25.66
N ILE B 3 -7.78 5.35 -25.00
CA ILE B 3 -6.86 5.65 -23.91
C ILE B 3 -5.40 5.74 -24.39
N VAL B 4 -4.76 6.86 -24.06
CA VAL B 4 -3.37 7.14 -24.44
C VAL B 4 -2.37 6.59 -23.42
N GLU B 5 -1.41 5.80 -23.92
CA GLU B 5 -0.39 5.20 -23.05
C GLU B 5 1.02 5.65 -23.33
N TYR B 6 1.84 5.66 -22.28
CA TYR B 6 3.24 6.03 -22.38
C TYR B 6 3.90 5.15 -23.46
N PRO B 7 4.84 5.70 -24.25
CA PRO B 7 5.33 7.07 -24.23
C PRO B 7 4.65 7.96 -25.29
N ASP B 8 3.38 7.72 -25.55
CA ASP B 8 2.65 8.54 -26.53
C ASP B 8 2.92 10.02 -26.21
N PRO B 9 3.52 10.75 -27.16
CA PRO B 9 3.85 12.17 -26.99
C PRO B 9 2.71 13.11 -26.57
N ILE B 10 1.48 12.61 -26.55
CA ILE B 10 0.33 13.43 -26.15
C ILE B 10 0.34 13.65 -24.62
N LEU B 11 0.85 12.67 -23.90
CA LEU B 11 0.96 12.75 -22.45
C LEU B 11 2.06 13.72 -22.04
N ARG B 12 2.75 14.30 -23.02
CA ARG B 12 3.84 15.23 -22.76
C ARG B 12 3.60 16.62 -23.34
N ALA B 13 2.62 16.73 -24.22
CA ALA B 13 2.32 18.00 -24.86
C ALA B 13 1.62 18.98 -23.93
N LYS B 14 1.68 20.25 -24.30
CA LYS B 14 1.06 21.33 -23.54
C LYS B 14 -0.45 21.15 -23.52
N ASN B 15 -1.06 21.61 -22.44
CA ASN B 15 -2.50 21.51 -22.25
C ASN B 15 -3.09 22.90 -22.08
N LYS B 16 -3.93 23.31 -23.02
CA LYS B 16 -4.53 24.63 -23.02
C LYS B 16 -5.60 24.87 -21.96
N ARG B 17 -5.59 26.06 -21.38
CA ARG B 17 -6.57 26.41 -20.37
C ARG B 17 -7.93 26.34 -21.06
N ILE B 18 -8.98 26.18 -20.26
CA ILE B 18 -10.34 26.13 -20.80
C ILE B 18 -11.05 27.46 -20.59
N ASP B 19 -11.47 28.08 -21.69
CA ASP B 19 -12.14 29.37 -21.61
C ASP B 19 -13.65 29.25 -21.53
N ILE B 20 -14.21 28.34 -22.32
CA ILE B 20 -15.66 28.17 -22.33
C ILE B 20 -16.16 26.97 -21.52
N PHE B 21 -17.25 27.19 -20.79
CA PHE B 21 -17.89 26.20 -19.93
C PHE B 21 -19.35 26.02 -20.36
N ASP B 22 -19.59 25.02 -21.21
CA ASP B 22 -20.92 24.76 -21.75
C ASP B 22 -21.31 23.28 -21.74
N GLU B 23 -22.41 22.98 -22.44
CA GLU B 23 -22.92 21.62 -22.53
C GLU B 23 -21.84 20.70 -23.10
N ASN B 24 -21.01 21.24 -23.99
CA ASN B 24 -19.95 20.47 -24.60
C ASN B 24 -19.00 19.94 -23.54
N LEU B 25 -18.58 20.82 -22.63
CA LEU B 25 -17.68 20.46 -21.54
C LEU B 25 -18.35 19.47 -20.59
N LYS B 26 -19.66 19.59 -20.42
CA LYS B 26 -20.38 18.67 -19.55
C LYS B 26 -20.27 17.27 -20.16
N ASN B 27 -20.43 17.19 -21.48
CA ASN B 27 -20.35 15.92 -22.20
C ASN B 27 -18.99 15.26 -22.03
N LEU B 28 -17.91 16.03 -22.16
CA LEU B 28 -16.58 15.46 -22.01
C LEU B 28 -16.37 14.93 -20.59
N VAL B 29 -16.77 15.72 -19.59
CA VAL B 29 -16.64 15.33 -18.19
C VAL B 29 -17.43 14.04 -17.93
N ASP B 30 -18.64 13.99 -18.48
CA ASP B 30 -19.48 12.82 -18.31
C ASP B 30 -18.75 11.58 -18.80
N ALA B 31 -18.22 11.68 -20.02
CA ALA B 31 -17.48 10.59 -20.65
C ALA B 31 -16.24 10.19 -19.86
N MET B 32 -15.56 11.19 -19.29
CA MET B 32 -14.36 10.97 -18.49
C MET B 32 -14.63 10.20 -17.20
N PHE B 33 -15.76 10.47 -16.55
CA PHE B 33 -16.08 9.73 -15.33
C PHE B 33 -16.36 8.31 -15.78
N ASP B 34 -17.18 8.20 -16.82
CA ASP B 34 -17.56 6.92 -17.38
C ASP B 34 -16.34 6.07 -17.67
N VAL B 35 -15.28 6.67 -18.18
CA VAL B 35 -14.06 5.92 -18.47
C VAL B 35 -13.36 5.61 -17.16
N MET B 36 -13.46 6.54 -16.21
CA MET B 36 -12.82 6.34 -14.92
C MET B 36 -13.42 5.15 -14.18
N TYR B 37 -14.70 4.89 -14.40
CA TYR B 37 -15.35 3.78 -13.73
C TYR B 37 -15.05 2.45 -14.42
N LYS B 38 -15.20 2.40 -15.74
CA LYS B 38 -14.92 1.18 -16.46
C LYS B 38 -13.50 0.71 -16.25
N THR B 39 -12.56 1.64 -16.24
CA THR B 39 -11.14 1.31 -16.05
C THR B 39 -10.73 1.18 -14.58
N ASP B 40 -11.68 1.40 -13.68
CA ASP B 40 -11.44 1.30 -12.25
C ASP B 40 -10.41 2.24 -11.65
N MET B 41 -10.47 3.50 -12.04
CA MET B 41 -9.55 4.48 -11.51
C MET B 41 -10.34 5.42 -10.60
N ILE B 42 -9.64 6.30 -9.89
CA ILE B 42 -10.28 7.25 -8.99
C ILE B 42 -10.14 8.67 -9.53
N GLY B 43 -9.28 8.83 -10.52
CA GLY B 43 -9.08 10.12 -11.13
C GLY B 43 -8.63 9.97 -12.57
N LEU B 44 -8.95 10.95 -13.40
CA LEU B 44 -8.57 10.90 -14.80
C LEU B 44 -8.23 12.31 -15.26
N SER B 45 -7.36 12.41 -16.26
CA SER B 45 -6.97 13.71 -16.80
C SER B 45 -7.20 13.71 -18.32
N ALA B 46 -7.54 14.88 -18.85
CA ALA B 46 -7.84 15.04 -20.26
C ALA B 46 -6.84 14.44 -21.24
N PRO B 47 -5.54 14.65 -21.03
CA PRO B 47 -4.55 14.09 -21.96
C PRO B 47 -4.59 12.58 -22.08
N GLN B 48 -5.10 11.90 -21.06
CA GLN B 48 -5.15 10.44 -21.08
C GLN B 48 -6.25 9.87 -21.97
N VAL B 49 -7.13 10.75 -22.45
CA VAL B 49 -8.21 10.36 -23.34
C VAL B 49 -8.04 11.15 -24.63
N GLY B 50 -6.81 11.57 -24.91
CA GLY B 50 -6.47 12.29 -26.14
C GLY B 50 -6.62 13.80 -26.28
N LEU B 51 -7.20 14.45 -25.28
CA LEU B 51 -7.42 15.89 -25.33
C LEU B 51 -6.42 16.67 -24.49
N ASN B 52 -5.68 17.56 -25.12
CA ASN B 52 -4.69 18.34 -24.41
C ASN B 52 -5.28 19.60 -23.78
N VAL B 53 -6.11 19.43 -22.77
CA VAL B 53 -6.74 20.54 -22.06
C VAL B 53 -6.58 20.36 -20.55
N GLN B 54 -6.68 21.45 -19.81
CA GLN B 54 -6.55 21.38 -18.35
C GLN B 54 -7.88 21.05 -17.71
N LEU B 55 -8.21 19.76 -17.75
CA LEU B 55 -9.43 19.24 -17.19
C LEU B 55 -9.10 17.95 -16.47
N MET B 56 -9.63 17.79 -15.27
CA MET B 56 -9.38 16.59 -14.48
C MET B 56 -10.65 16.27 -13.72
N VAL B 57 -10.83 15.01 -13.36
CA VAL B 57 -12.01 14.60 -12.62
C VAL B 57 -11.67 13.45 -11.68
N PHE B 58 -12.33 13.38 -10.54
CA PHE B 58 -12.09 12.28 -9.63
C PHE B 58 -13.13 12.16 -8.52
N ASN B 59 -13.34 10.92 -8.10
CA ASN B 59 -14.27 10.58 -7.02
C ASN B 59 -13.38 9.81 -6.06
N PRO B 60 -13.05 10.41 -4.91
CA PRO B 60 -12.19 9.79 -3.90
C PRO B 60 -12.60 8.35 -3.60
N ALA B 61 -13.91 8.12 -3.54
CA ALA B 61 -14.45 6.79 -3.27
C ALA B 61 -14.15 5.80 -4.40
N GLY B 62 -14.15 6.29 -5.63
CA GLY B 62 -13.88 5.43 -6.77
C GLY B 62 -15.01 4.47 -7.10
N GLU B 63 -16.12 4.59 -6.38
CA GLU B 63 -17.26 3.71 -6.60
C GLU B 63 -18.54 4.47 -6.91
N PRO B 64 -19.35 3.94 -7.86
CA PRO B 64 -20.61 4.56 -8.25
C PRO B 64 -21.57 4.73 -7.07
N GLY B 65 -22.26 5.86 -7.03
CA GLY B 65 -23.20 6.11 -5.95
C GLY B 65 -22.52 6.33 -4.61
N GLU B 66 -21.32 6.88 -4.64
CA GLU B 66 -20.56 7.15 -3.41
C GLU B 66 -19.56 8.29 -3.62
N GLY B 67 -19.14 8.90 -2.53
CA GLY B 67 -18.20 10.00 -2.62
C GLY B 67 -18.81 11.16 -3.37
N LYS B 68 -17.95 12.02 -3.91
CA LYS B 68 -18.40 13.17 -4.67
C LYS B 68 -17.63 13.23 -5.98
N GLU B 69 -18.36 13.33 -7.10
CA GLU B 69 -17.70 13.41 -8.38
C GLU B 69 -17.19 14.84 -8.52
N ILE B 70 -15.91 15.01 -8.20
CA ILE B 70 -15.25 16.31 -8.25
C ILE B 70 -14.56 16.61 -9.57
N VAL B 71 -14.91 17.74 -10.16
CA VAL B 71 -14.31 18.17 -11.42
C VAL B 71 -13.57 19.48 -11.21
N LEU B 72 -12.36 19.55 -11.75
CA LEU B 72 -11.55 20.76 -11.62
C LEU B 72 -10.99 21.16 -12.98
N VAL B 73 -11.26 22.39 -13.40
CA VAL B 73 -10.74 22.85 -14.66
C VAL B 73 -9.70 23.91 -14.32
N ASN B 74 -8.65 23.97 -15.12
CA ASN B 74 -7.56 24.94 -14.92
C ASN B 74 -7.06 24.99 -13.47
N PRO B 75 -6.90 23.82 -12.82
CA PRO B 75 -6.41 23.80 -11.43
C PRO B 75 -5.00 24.37 -11.34
N LYS B 76 -4.73 25.11 -10.27
CA LYS B 76 -3.40 25.72 -10.09
C LYS B 76 -2.89 25.72 -8.65
N ILE B 77 -2.60 24.52 -8.13
CA ILE B 77 -2.09 24.31 -6.77
C ILE B 77 -1.61 25.51 -5.94
N LYS B 78 -1.91 25.44 -4.64
CA LYS B 78 -1.55 26.49 -3.68
C LYS B 78 -0.34 26.10 -2.81
N LYS B 79 -0.45 25.00 -2.07
CA LYS B 79 0.65 24.55 -1.23
C LYS B 79 0.64 23.04 -0.97
N TYR B 80 1.82 22.50 -0.67
CA TYR B 80 1.98 21.09 -0.37
C TYR B 80 2.48 20.97 1.06
N SER B 81 1.90 20.03 1.81
CA SER B 81 2.29 19.81 3.21
C SER B 81 3.76 19.46 3.37
N ASP B 82 4.34 19.81 4.52
CA ASP B 82 5.74 19.53 4.82
C ASP B 82 5.96 18.02 4.76
N LYS B 83 5.05 17.29 5.39
CA LYS B 83 5.12 15.82 5.44
C LYS B 83 5.07 15.24 4.03
N LEU B 84 5.94 14.26 3.77
CA LEU B 84 6.00 13.62 2.47
C LEU B 84 5.80 12.12 2.62
N VAL B 85 4.54 11.70 2.59
CA VAL B 85 4.19 10.30 2.75
C VAL B 85 4.28 9.44 1.48
N PRO B 86 5.15 8.43 1.50
CA PRO B 86 5.31 7.54 0.35
C PRO B 86 4.04 6.73 0.16
N PHE B 87 3.72 6.39 -1.09
CA PHE B 87 2.50 5.64 -1.38
C PHE B 87 2.59 5.02 -2.77
N ASP B 88 2.13 3.78 -2.89
CA ASP B 88 2.17 3.07 -4.17
C ASP B 88 1.19 3.64 -5.20
N GLU B 89 1.66 3.81 -6.42
CA GLU B 89 0.82 4.36 -7.50
C GLU B 89 0.79 3.55 -8.78
N GLY B 90 -0.34 3.68 -9.48
CA GLY B 90 -0.53 3.03 -10.76
C GLY B 90 -1.02 4.12 -11.69
N CYS B 91 -0.77 3.98 -12.99
CA CYS B 91 -1.23 4.98 -13.96
C CYS B 91 -2.03 4.25 -15.04
N LEU B 92 -3.10 4.86 -15.52
CA LEU B 92 -3.90 4.23 -16.56
C LEU B 92 -3.06 4.20 -17.84
N SER B 93 -2.18 5.20 -17.96
CA SER B 93 -1.31 5.30 -19.14
C SER B 93 -0.14 4.34 -19.03
N PHE B 94 0.00 3.70 -17.88
CA PHE B 94 1.07 2.74 -17.66
C PHE B 94 0.49 1.41 -17.20
N PRO B 95 -0.03 0.60 -18.12
CA PRO B 95 -0.62 -0.69 -17.77
C PRO B 95 0.28 -1.61 -16.95
N GLY B 96 -0.26 -2.10 -15.83
CA GLY B 96 0.47 -3.02 -14.97
C GLY B 96 1.66 -2.51 -14.19
N ILE B 97 1.95 -1.21 -14.26
CA ILE B 97 3.10 -0.68 -13.53
C ILE B 97 2.72 0.05 -12.25
N TYR B 98 3.08 -0.55 -11.13
CA TYR B 98 2.80 0.02 -9.81
C TYR B 98 4.14 0.16 -9.11
N ALA B 99 4.33 1.28 -8.41
CA ALA B 99 5.57 1.53 -7.68
C ALA B 99 5.35 2.54 -6.57
N GLU B 100 6.38 2.79 -5.77
CA GLU B 100 6.29 3.72 -4.66
C GLU B 100 6.65 5.14 -5.07
N VAL B 101 5.75 6.07 -4.76
CA VAL B 101 5.94 7.47 -5.07
C VAL B 101 5.76 8.29 -3.80
N VAL B 102 6.68 9.19 -3.51
CA VAL B 102 6.55 10.04 -2.33
C VAL B 102 6.14 11.45 -2.71
N ARG B 103 4.98 11.86 -2.19
CA ARG B 103 4.43 13.18 -2.44
C ARG B 103 3.87 13.75 -1.16
N PRO B 104 3.58 15.07 -1.13
CA PRO B 104 3.04 15.67 0.08
C PRO B 104 1.78 14.88 0.48
N GLN B 105 1.43 14.93 1.76
CA GLN B 105 0.26 14.20 2.25
C GLN B 105 -1.03 14.98 2.03
N SER B 106 -0.90 16.31 1.99
CA SER B 106 -2.06 17.16 1.77
C SER B 106 -1.69 18.32 0.86
N VAL B 107 -2.73 18.89 0.23
CA VAL B 107 -2.57 19.99 -0.70
C VAL B 107 -3.68 21.04 -0.57
N LYS B 108 -3.38 22.25 -1.04
CA LYS B 108 -4.33 23.37 -1.04
C LYS B 108 -4.49 23.72 -2.52
N ILE B 109 -5.73 23.83 -3.00
CA ILE B 109 -5.98 24.08 -4.42
C ILE B 109 -6.88 25.27 -4.78
N ASP B 110 -6.78 25.67 -6.04
CA ASP B 110 -7.57 26.77 -6.63
C ASP B 110 -7.96 26.33 -8.03
N ALA B 111 -9.25 26.13 -8.26
CA ALA B 111 -9.72 25.70 -9.56
C ALA B 111 -11.14 26.17 -9.85
N ARG B 112 -11.60 25.93 -11.06
CA ARG B 112 -12.96 26.33 -11.45
C ARG B 112 -13.79 25.08 -11.67
N ASP B 113 -15.08 25.17 -11.42
CA ASP B 113 -15.96 24.02 -11.60
C ASP B 113 -16.53 23.95 -13.01
N ILE B 114 -17.33 22.92 -13.29
CA ILE B 114 -17.91 22.71 -14.61
C ILE B 114 -18.62 23.95 -15.17
N THR B 115 -19.14 24.79 -14.28
CA THR B 115 -19.83 26.01 -14.69
C THR B 115 -18.86 27.17 -14.90
N GLY B 116 -17.73 27.13 -14.20
CA GLY B 116 -16.74 28.19 -14.33
C GLY B 116 -16.48 28.92 -13.02
N GLU B 117 -17.40 28.83 -12.07
CA GLU B 117 -17.24 29.50 -10.78
C GLU B 117 -15.96 29.04 -10.08
N ARG B 118 -15.25 29.99 -9.47
CA ARG B 118 -14.02 29.70 -8.74
C ARG B 118 -14.30 29.05 -7.39
N PHE B 119 -13.42 28.15 -6.96
CA PHE B 119 -13.57 27.49 -5.68
C PHE B 119 -12.24 26.89 -5.23
N SER B 120 -11.88 27.13 -3.98
CA SER B 120 -10.64 26.59 -3.40
C SER B 120 -10.95 25.28 -2.68
N ILE B 121 -9.94 24.70 -2.04
CA ILE B 121 -10.15 23.46 -1.33
C ILE B 121 -8.86 22.91 -0.72
N SER B 122 -8.99 21.86 0.07
CA SER B 122 -7.87 21.21 0.73
C SER B 122 -8.11 19.70 0.71
N LEU B 123 -7.06 18.93 0.46
CA LEU B 123 -7.20 17.50 0.44
C LEU B 123 -6.08 16.84 1.25
N SER B 124 -6.34 15.61 1.64
CA SER B 124 -5.40 14.82 2.43
C SER B 124 -5.69 13.39 2.07
N ARG B 125 -4.94 12.46 2.65
CA ARG B 125 -5.15 11.04 2.35
C ARG B 125 -5.19 10.85 0.83
N LEU B 126 -6.08 9.97 0.37
CA LEU B 126 -6.20 9.68 -1.05
C LEU B 126 -6.55 10.91 -1.87
N PRO B 127 -7.53 11.71 -1.41
CA PRO B 127 -7.93 12.93 -2.14
C PRO B 127 -6.76 13.82 -2.54
N ALA B 128 -5.80 14.00 -1.63
CA ALA B 128 -4.65 14.85 -1.90
C ALA B 128 -3.71 14.23 -2.93
N ARG B 129 -3.24 13.02 -2.65
CA ARG B 129 -2.32 12.35 -3.54
C ARG B 129 -2.85 12.24 -4.97
N ILE B 130 -4.04 11.68 -5.11
CA ILE B 130 -4.63 11.51 -6.43
C ILE B 130 -4.68 12.81 -7.23
N PHE B 131 -5.05 13.92 -6.58
CA PHE B 131 -5.10 15.19 -7.30
C PHE B 131 -3.74 15.56 -7.87
N GLN B 132 -2.71 15.44 -7.05
CA GLN B 132 -1.35 15.76 -7.46
C GLN B 132 -0.97 14.90 -8.67
N HIS B 133 -1.47 13.68 -8.69
CA HIS B 133 -1.20 12.74 -9.78
C HIS B 133 -1.83 13.28 -11.08
N GLU B 134 -3.10 13.65 -11.01
CA GLU B 134 -3.82 14.17 -12.18
C GLU B 134 -3.26 15.53 -12.52
N TYR B 135 -2.94 16.32 -11.50
CA TYR B 135 -2.37 17.64 -11.74
C TYR B 135 -1.05 17.51 -12.50
N ASP B 136 -0.30 16.46 -12.19
CA ASP B 136 0.97 16.23 -12.84
C ASP B 136 0.78 15.97 -14.34
N HIS B 137 -0.31 15.31 -14.68
CA HIS B 137 -0.65 15.00 -16.07
C HIS B 137 -0.99 16.27 -16.82
N LEU B 138 -1.80 17.11 -16.18
CA LEU B 138 -2.21 18.37 -16.77
C LEU B 138 -1.03 19.27 -17.11
N GLU B 139 0.17 18.84 -16.73
CA GLU B 139 1.36 19.64 -17.00
C GLU B 139 2.46 18.86 -17.71
N GLY B 140 2.12 17.66 -18.18
CA GLY B 140 3.08 16.84 -18.88
C GLY B 140 4.03 16.08 -17.99
N VAL B 141 3.66 15.89 -16.73
CA VAL B 141 4.50 15.16 -15.80
C VAL B 141 3.91 13.78 -15.49
N LEU B 142 4.65 12.74 -15.79
CA LEU B 142 4.18 11.37 -15.55
C LEU B 142 4.76 10.87 -14.23
N PHE B 143 3.99 10.09 -13.50
CA PHE B 143 4.43 9.62 -12.17
C PHE B 143 5.82 9.04 -12.03
N PHE B 144 6.41 8.50 -13.09
CA PHE B 144 7.75 7.93 -12.93
C PHE B 144 8.82 9.00 -12.89
N ASP B 145 8.39 10.25 -12.98
CA ASP B 145 9.31 11.37 -12.92
C ASP B 145 9.63 11.64 -11.44
N ARG B 146 8.66 11.36 -10.58
CA ARG B 146 8.82 11.57 -9.14
C ARG B 146 9.76 10.54 -8.53
N MET B 147 9.43 9.26 -8.72
CA MET B 147 10.23 8.16 -8.21
C MET B 147 11.73 8.47 -8.16
N THR B 148 12.44 7.80 -7.27
CA THR B 148 13.87 7.99 -7.13
C THR B 148 14.58 7.01 -8.04
N ASP B 149 15.86 7.26 -8.30
CA ASP B 149 16.65 6.39 -9.16
C ASP B 149 16.44 4.92 -8.82
N GLN B 150 16.45 4.59 -7.53
CA GLN B 150 16.26 3.22 -7.08
C GLN B 150 14.98 2.58 -7.62
N VAL B 151 13.83 3.06 -7.15
CA VAL B 151 12.55 2.52 -7.59
C VAL B 151 12.36 2.57 -9.10
N LEU B 152 12.90 3.61 -9.75
CA LEU B 152 12.77 3.71 -11.20
C LEU B 152 13.33 2.45 -11.83
N ASP B 153 14.46 1.97 -11.33
CA ASP B 153 15.09 0.75 -11.83
C ASP B 153 14.19 -0.46 -11.73
N SER B 154 13.38 -0.52 -10.67
CA SER B 154 12.48 -1.64 -10.44
C SER B 154 11.46 -1.78 -11.57
N ILE B 155 11.20 -0.69 -12.27
CA ILE B 155 10.24 -0.72 -13.36
C ILE B 155 10.91 -0.45 -14.72
N ARG B 156 12.18 -0.07 -14.67
CA ARG B 156 12.98 0.23 -15.85
C ARG B 156 12.61 -0.57 -17.10
N GLU B 157 12.65 -1.90 -16.99
CA GLU B 157 12.34 -2.76 -18.12
C GLU B 157 10.85 -2.84 -18.41
N GLU B 158 10.03 -2.48 -17.43
CA GLU B 158 8.57 -2.48 -17.61
C GLU B 158 8.20 -1.29 -18.51
N LEU B 159 8.82 -0.14 -18.23
CA LEU B 159 8.59 1.07 -19.01
C LEU B 159 9.22 0.87 -20.38
N GLU B 160 10.47 0.41 -20.38
CA GLU B 160 11.17 0.18 -21.62
C GLU B 160 10.34 -0.67 -22.57
N ALA B 161 9.61 -1.63 -22.03
CA ALA B 161 8.76 -2.51 -22.84
C ALA B 161 7.63 -1.71 -23.51
N LEU B 162 7.19 -0.65 -22.85
CA LEU B 162 6.13 0.19 -23.41
C LEU B 162 6.69 0.98 -24.57
N GLU B 163 7.92 1.46 -24.41
CA GLU B 163 8.60 2.24 -25.43
C GLU B 163 8.82 1.45 -26.69
N LYS B 164 9.11 0.16 -26.56
CA LYS B 164 9.36 -0.65 -27.73
C LYS B 164 8.06 -1.05 -28.42
N LYS B 165 6.98 -1.12 -27.65
CA LYS B 165 5.69 -1.49 -28.20
C LYS B 165 5.17 -0.33 -29.05
N TYR B 166 5.51 0.88 -28.65
CA TYR B 166 5.12 2.08 -29.37
C TYR B 166 5.84 2.11 -30.71
N GLU B 167 7.14 1.82 -30.70
CA GLU B 167 7.92 1.83 -31.92
C GLU B 167 7.40 0.76 -32.88
N GLU B 168 7.04 -0.41 -32.34
CA GLU B 168 6.53 -1.48 -33.18
C GLU B 168 5.14 -1.14 -33.75
N LYS B 169 4.36 -0.37 -32.99
CA LYS B 169 3.02 0.04 -33.44
C LYS B 169 3.10 1.18 -34.46
N THR B 170 3.83 2.24 -34.12
CA THR B 170 4.03 3.40 -35.00
C THR B 170 5.50 3.35 -35.38
N GLY B 171 5.81 3.09 -36.64
CA GLY B 171 7.19 2.96 -37.05
C GLY B 171 8.19 4.05 -36.63
N LEU B 172 7.82 4.84 -35.64
CA LEU B 172 8.67 5.90 -35.16
C LEU B 172 9.51 5.44 -33.96
N PRO B 173 10.55 6.21 -33.62
CA PRO B 173 11.41 5.88 -32.49
C PRO B 173 10.76 6.50 -31.25
N SER B 174 10.86 5.81 -30.12
CA SER B 174 10.25 6.32 -28.88
C SER B 174 10.68 7.77 -28.63
N PRO B 175 9.70 8.65 -28.39
CA PRO B 175 9.90 10.08 -28.12
C PRO B 175 10.76 10.30 -26.87
N GLU B 176 10.78 9.29 -26.00
CA GLU B 176 11.56 9.35 -24.78
C GLU B 176 11.94 7.95 -24.30
N ARG B 177 13.15 7.82 -23.79
CA ARG B 177 13.65 6.54 -23.30
C ARG B 177 14.03 6.60 -21.84
N VAL B 178 13.54 5.65 -21.06
CA VAL B 178 13.85 5.65 -19.64
C VAL B 178 15.33 5.42 -19.40
N GLU B 179 15.93 4.52 -20.18
CA GLU B 179 17.35 4.19 -20.04
C GLU B 179 18.24 5.41 -20.28
N ALA B 180 18.09 6.05 -21.43
CA ALA B 180 18.89 7.23 -21.74
C ALA B 180 18.60 8.33 -20.74
N MET C 1 25.64 -16.52 11.19
CA MET C 1 24.18 -16.62 10.89
C MET C 1 23.41 -17.03 12.16
N GLU C 2 22.60 -16.11 12.67
CA GLU C 2 21.83 -16.35 13.88
C GLU C 2 20.31 -16.16 13.66
N ILE C 3 19.52 -16.96 14.38
CA ILE C 3 18.06 -16.96 14.27
C ILE C 3 17.35 -15.95 15.17
N VAL C 4 16.41 -15.22 14.61
CA VAL C 4 15.67 -14.23 15.37
C VAL C 4 14.38 -14.82 15.93
N GLU C 5 14.21 -14.73 17.25
CA GLU C 5 13.02 -15.26 17.89
C GLU C 5 12.14 -14.18 18.48
N TYR C 6 10.89 -14.53 18.71
CA TYR C 6 9.91 -13.63 19.33
C TYR C 6 10.41 -13.33 20.76
N PRO C 7 10.15 -12.12 21.30
CA PRO C 7 9.43 -10.97 20.75
C PRO C 7 10.38 -9.89 20.21
N ASP C 8 11.52 -10.31 19.69
CA ASP C 8 12.49 -9.38 19.13
C ASP C 8 11.78 -8.48 18.13
N PRO C 9 11.94 -7.14 18.27
CA PRO C 9 11.31 -6.17 17.38
C PRO C 9 11.67 -6.28 15.90
N ILE C 10 12.77 -6.98 15.60
CA ILE C 10 13.18 -7.16 14.21
C ILE C 10 12.05 -7.83 13.43
N LEU C 11 11.30 -8.71 14.09
CA LEU C 11 10.19 -9.41 13.44
C LEU C 11 8.97 -8.52 13.29
N ARG C 12 9.08 -7.26 13.70
CA ARG C 12 7.93 -6.35 13.58
C ARG C 12 8.26 -5.15 12.68
N ALA C 13 9.55 -4.85 12.55
CA ALA C 13 10.01 -3.74 11.74
C ALA C 13 9.57 -3.95 10.29
N LYS C 14 9.37 -2.85 9.56
CA LYS C 14 8.95 -2.93 8.15
C LYS C 14 10.15 -3.40 7.31
N ASN C 15 9.87 -4.09 6.21
CA ASN C 15 10.94 -4.61 5.37
C ASN C 15 11.06 -3.91 4.02
N LYS C 16 12.30 -3.54 3.67
CA LYS C 16 12.57 -2.84 2.43
C LYS C 16 12.60 -3.76 1.22
N ARG C 17 12.08 -3.26 0.10
CA ARG C 17 12.03 -3.99 -1.15
C ARG C 17 13.47 -4.11 -1.68
N ILE C 18 13.80 -5.25 -2.25
CA ILE C 18 15.15 -5.45 -2.79
C ILE C 18 15.27 -4.77 -4.15
N ASP C 19 16.26 -3.89 -4.30
CA ASP C 19 16.49 -3.18 -5.56
C ASP C 19 17.70 -3.72 -6.32
N ILE C 20 18.59 -4.40 -5.62
CA ILE C 20 19.79 -4.95 -6.24
C ILE C 20 19.77 -6.47 -6.27
N PHE C 21 20.02 -7.04 -7.44
CA PHE C 21 20.04 -8.49 -7.60
C PHE C 21 21.42 -8.95 -8.05
N ASP C 22 22.25 -9.38 -7.09
CA ASP C 22 23.61 -9.83 -7.39
C ASP C 22 23.99 -11.13 -6.69
N GLU C 23 25.29 -11.42 -6.67
CA GLU C 23 25.80 -12.63 -6.03
C GLU C 23 25.63 -12.56 -4.52
N ASN C 24 25.40 -11.36 -4.01
CA ASN C 24 25.20 -11.17 -2.58
C ASN C 24 23.77 -11.53 -2.21
N LEU C 25 22.87 -11.47 -3.18
CA LEU C 25 21.48 -11.83 -2.96
C LEU C 25 21.45 -13.34 -3.16
N LYS C 26 22.14 -13.79 -4.20
CA LYS C 26 22.22 -15.21 -4.55
C LYS C 26 22.79 -15.98 -3.37
N ASN C 27 23.73 -15.36 -2.67
CA ASN C 27 24.33 -15.99 -1.50
C ASN C 27 23.40 -15.96 -0.29
N LEU C 28 22.64 -14.87 -0.14
CA LEU C 28 21.71 -14.78 0.97
C LEU C 28 20.64 -15.87 0.82
N VAL C 29 20.08 -16.00 -0.38
CA VAL C 29 19.07 -17.02 -0.62
C VAL C 29 19.62 -18.42 -0.34
N ASP C 30 20.88 -18.66 -0.70
CA ASP C 30 21.49 -19.96 -0.45
C ASP C 30 21.66 -20.20 1.05
N ALA C 31 21.96 -19.14 1.79
CA ALA C 31 22.15 -19.28 3.23
C ALA C 31 20.81 -19.53 3.91
N MET C 32 19.75 -18.91 3.40
CA MET C 32 18.43 -19.11 3.98
C MET C 32 17.97 -20.56 3.83
N PHE C 33 18.16 -21.14 2.66
CA PHE C 33 17.79 -22.52 2.41
C PHE C 33 18.54 -23.45 3.36
N ASP C 34 19.82 -23.16 3.56
CA ASP C 34 20.67 -23.97 4.45
C ASP C 34 20.17 -23.86 5.88
N VAL C 35 19.71 -22.68 6.25
CA VAL C 35 19.17 -22.49 7.59
C VAL C 35 17.88 -23.31 7.66
N MET C 36 17.09 -23.22 6.59
CA MET C 36 15.82 -23.94 6.55
C MET C 36 16.07 -25.43 6.71
N TYR C 37 16.97 -25.97 5.92
CA TYR C 37 17.30 -27.39 5.98
C TYR C 37 17.88 -27.80 7.33
N LYS C 38 18.87 -27.05 7.80
CA LYS C 38 19.51 -27.33 9.08
C LYS C 38 18.53 -27.35 10.26
N THR C 39 17.50 -26.52 10.20
CA THR C 39 16.53 -26.45 11.29
C THR C 39 15.23 -27.22 11.09
N ASP C 40 15.22 -28.17 10.16
CA ASP C 40 14.00 -28.96 9.90
C ASP C 40 12.76 -28.10 9.63
N MET C 41 12.96 -27.00 8.92
CA MET C 41 11.88 -26.09 8.58
C MET C 41 11.52 -26.27 7.09
N ILE C 42 10.33 -25.85 6.68
CA ILE C 42 9.97 -25.96 5.25
C ILE C 42 9.95 -24.61 4.54
N GLY C 43 10.27 -23.54 5.27
CA GLY C 43 10.26 -22.23 4.66
C GLY C 43 11.00 -21.25 5.53
N LEU C 44 11.28 -20.06 5.01
CA LEU C 44 12.01 -19.07 5.78
C LEU C 44 11.94 -17.69 5.16
N SER C 45 11.82 -16.66 6.00
CA SER C 45 11.77 -15.29 5.51
C SER C 45 12.96 -14.54 6.11
N ALA C 46 13.41 -13.50 5.41
CA ALA C 46 14.56 -12.71 5.81
C ALA C 46 14.60 -12.24 7.26
N PRO C 47 13.53 -11.59 7.74
CA PRO C 47 13.57 -11.12 9.13
C PRO C 47 14.05 -12.12 10.18
N GLN C 48 13.80 -13.39 9.94
CA GLN C 48 14.16 -14.44 10.87
C GLN C 48 15.65 -14.72 10.96
N VAL C 49 16.42 -14.05 10.12
CA VAL C 49 17.87 -14.20 10.13
C VAL C 49 18.54 -12.84 10.30
N GLY C 50 17.74 -11.87 10.74
CA GLY C 50 18.23 -10.52 10.99
C GLY C 50 18.24 -9.55 9.83
N LEU C 51 17.50 -9.84 8.77
CA LEU C 51 17.50 -8.95 7.62
C LEU C 51 16.10 -8.44 7.26
N ASN C 52 15.90 -7.15 7.42
CA ASN C 52 14.60 -6.57 7.13
C ASN C 52 14.39 -6.26 5.65
N VAL C 53 14.43 -7.30 4.83
CA VAL C 53 14.22 -7.17 3.40
C VAL C 53 13.06 -8.06 2.99
N GLN C 54 12.45 -7.77 1.84
CA GLN C 54 11.32 -8.56 1.35
C GLN C 54 11.73 -9.79 0.55
N LEU C 55 12.32 -10.75 1.26
CA LEU C 55 12.78 -11.99 0.67
C LEU C 55 12.33 -13.21 1.47
N MET C 56 11.83 -14.23 0.78
CA MET C 56 11.40 -15.48 1.42
C MET C 56 11.88 -16.67 0.58
N VAL C 57 11.88 -17.86 1.18
CA VAL C 57 12.25 -19.08 0.48
C VAL C 57 11.52 -20.26 1.11
N PHE C 58 11.22 -21.27 0.30
CA PHE C 58 10.54 -22.45 0.81
C PHE C 58 10.58 -23.62 -0.15
N ASN C 59 10.47 -24.82 0.42
CA ASN C 59 10.47 -26.06 -0.34
C ASN C 59 9.36 -26.89 0.31
N PRO C 60 8.20 -27.02 -0.35
CA PRO C 60 7.09 -27.80 0.22
C PRO C 60 7.48 -29.19 0.71
N ALA C 61 8.39 -29.84 -0.02
CA ALA C 61 8.86 -31.17 0.32
C ALA C 61 9.62 -31.20 1.65
N GLY C 62 10.35 -30.11 1.94
CA GLY C 62 11.12 -30.01 3.18
C GLY C 62 12.36 -30.89 3.22
N GLU C 63 12.72 -31.47 2.08
CA GLU C 63 13.87 -32.37 2.04
C GLU C 63 14.87 -32.05 0.94
N PRO C 64 16.16 -32.28 1.20
CA PRO C 64 17.23 -32.02 0.23
C PRO C 64 17.08 -32.89 -1.02
N GLY C 65 17.26 -32.27 -2.18
CA GLY C 65 17.15 -33.02 -3.42
C GLY C 65 15.75 -33.46 -3.80
N GLU C 66 14.76 -33.01 -3.04
CA GLU C 66 13.37 -33.36 -3.34
C GLU C 66 12.56 -32.08 -3.47
N GLY C 67 11.30 -32.21 -3.90
CA GLY C 67 10.45 -31.04 -4.05
C GLY C 67 11.02 -30.01 -5.02
N LYS C 68 10.91 -28.74 -4.66
CA LYS C 68 11.40 -27.64 -5.49
C LYS C 68 11.73 -26.40 -4.65
N GLU C 69 12.97 -25.91 -4.77
CA GLU C 69 13.41 -24.73 -4.05
C GLU C 69 12.81 -23.48 -4.68
N ILE C 70 11.79 -22.93 -4.02
CA ILE C 70 11.07 -21.75 -4.48
C ILE C 70 11.51 -20.46 -3.77
N VAL C 71 11.79 -19.43 -4.56
CA VAL C 71 12.19 -18.15 -4.00
C VAL C 71 11.36 -17.00 -4.57
N LEU C 72 10.88 -16.14 -3.68
CA LEU C 72 10.04 -15.01 -4.05
C LEU C 72 10.58 -13.72 -3.44
N VAL C 73 10.72 -12.68 -4.26
CA VAL C 73 11.20 -11.38 -3.80
C VAL C 73 10.16 -10.30 -4.02
N ASN C 74 10.05 -9.39 -3.07
CA ASN C 74 9.08 -8.30 -3.12
C ASN C 74 7.75 -8.78 -3.67
N PRO C 75 7.19 -9.88 -3.10
CA PRO C 75 5.91 -10.40 -3.57
C PRO C 75 4.74 -9.58 -3.06
N LYS C 76 3.60 -9.73 -3.73
CA LYS C 76 2.39 -9.04 -3.34
C LYS C 76 1.22 -9.93 -3.72
N ILE C 77 0.34 -10.18 -2.75
CA ILE C 77 -0.82 -11.02 -2.99
C ILE C 77 -1.85 -10.19 -3.73
N LYS C 78 -2.34 -10.70 -4.85
CA LYS C 78 -3.32 -10.00 -5.65
C LYS C 78 -4.72 -10.51 -5.33
N LYS C 79 -4.80 -11.66 -4.66
CA LYS C 79 -6.10 -12.22 -4.32
C LYS C 79 -6.05 -13.44 -3.41
N TYR C 80 -6.93 -13.43 -2.41
CA TYR C 80 -7.08 -14.51 -1.43
C TYR C 80 -8.36 -15.27 -1.76
N SER C 81 -8.33 -16.60 -1.78
CA SER C 81 -9.55 -17.33 -2.06
C SER C 81 -10.52 -17.00 -0.94
N ASP C 82 -11.82 -17.23 -1.15
CA ASP C 82 -12.81 -16.96 -0.12
C ASP C 82 -12.83 -18.13 0.86
N LYS C 83 -12.52 -19.31 0.35
CA LYS C 83 -12.52 -20.50 1.18
C LYS C 83 -11.35 -20.49 2.17
N LEU C 84 -11.67 -20.69 3.43
CA LEU C 84 -10.67 -20.69 4.48
C LEU C 84 -10.51 -22.09 5.05
N VAL C 85 -9.27 -22.52 5.22
CA VAL C 85 -9.02 -23.84 5.77
C VAL C 85 -8.09 -23.78 6.98
N PRO C 86 -8.25 -24.72 7.92
CA PRO C 86 -7.39 -24.74 9.11
C PRO C 86 -6.24 -25.71 8.89
N PHE C 87 -5.10 -25.42 9.50
CA PHE C 87 -3.94 -26.30 9.39
C PHE C 87 -3.05 -25.96 10.57
N ASP C 88 -2.35 -26.96 11.08
CA ASP C 88 -1.46 -26.73 12.22
C ASP C 88 -0.17 -26.06 11.76
N GLU C 89 0.33 -25.13 12.55
CA GLU C 89 1.55 -24.43 12.19
C GLU C 89 2.56 -24.29 13.31
N GLY C 90 3.83 -24.34 12.92
CA GLY C 90 4.92 -24.11 13.86
C GLY C 90 5.65 -22.89 13.29
N CYS C 91 6.60 -22.31 14.03
CA CYS C 91 7.37 -21.18 13.53
C CYS C 91 8.77 -21.13 14.18
N LEU C 92 9.80 -21.06 13.35
CA LEU C 92 11.19 -21.02 13.79
C LEU C 92 11.41 -19.94 14.86
N SER C 93 10.68 -18.84 14.77
CA SER C 93 10.84 -17.75 15.72
C SER C 93 10.06 -17.92 17.04
N PHE C 94 9.37 -19.04 17.19
CA PHE C 94 8.62 -19.36 18.40
C PHE C 94 8.92 -20.80 18.75
N PRO C 95 10.16 -21.09 19.10
CA PRO C 95 10.57 -22.46 19.44
C PRO C 95 9.56 -23.26 20.27
N GLY C 96 9.12 -24.37 19.69
CA GLY C 96 8.20 -25.27 20.37
C GLY C 96 6.69 -25.06 20.25
N ILE C 97 6.26 -23.87 19.85
CA ILE C 97 4.83 -23.58 19.74
C ILE C 97 4.18 -24.10 18.46
N TYR C 98 3.15 -24.91 18.63
CA TYR C 98 2.40 -25.49 17.51
C TYR C 98 0.90 -25.26 17.73
N ALA C 99 0.29 -24.43 16.88
CA ALA C 99 -1.14 -24.15 17.00
C ALA C 99 -1.87 -24.17 15.65
N GLU C 100 -3.18 -23.98 15.70
CA GLU C 100 -4.00 -23.98 14.50
C GLU C 100 -4.27 -22.60 13.98
N VAL C 101 -4.18 -22.44 12.66
CA VAL C 101 -4.46 -21.17 12.03
C VAL C 101 -5.40 -21.38 10.85
N VAL C 102 -6.38 -20.50 10.69
CA VAL C 102 -7.26 -20.60 9.54
C VAL C 102 -6.71 -19.63 8.51
N ARG C 103 -6.59 -20.07 7.27
CA ARG C 103 -6.09 -19.21 6.20
C ARG C 103 -6.81 -19.56 4.90
N PRO C 104 -6.80 -18.64 3.92
CA PRO C 104 -7.47 -18.94 2.65
C PRO C 104 -6.69 -20.12 2.05
N GLN C 105 -7.35 -20.99 1.30
CA GLN C 105 -6.65 -22.14 0.73
C GLN C 105 -5.73 -21.84 -0.46
N SER C 106 -6.02 -20.74 -1.17
CA SER C 106 -5.22 -20.36 -2.34
C SER C 106 -5.00 -18.85 -2.43
N VAL C 107 -4.08 -18.45 -3.31
CA VAL C 107 -3.76 -17.05 -3.55
C VAL C 107 -3.09 -16.85 -4.91
N LYS C 108 -3.26 -15.64 -5.46
CA LYS C 108 -2.63 -15.26 -6.73
C LYS C 108 -1.50 -14.34 -6.32
N ILE C 109 -0.33 -14.53 -6.91
CA ILE C 109 0.82 -13.75 -6.53
C ILE C 109 1.58 -13.08 -7.69
N ASP C 110 2.30 -12.01 -7.34
CA ASP C 110 3.16 -11.26 -8.24
C ASP C 110 4.45 -11.06 -7.46
N ALA C 111 5.58 -11.39 -8.08
CA ALA C 111 6.85 -11.25 -7.40
C ALA C 111 8.00 -11.33 -8.40
N ARG C 112 9.22 -11.23 -7.91
CA ARG C 112 10.39 -11.29 -8.80
C ARG C 112 11.29 -12.46 -8.39
N ASP C 113 12.11 -12.93 -9.33
CA ASP C 113 13.02 -14.03 -9.04
C ASP C 113 14.38 -13.54 -8.54
N ILE C 114 15.31 -14.46 -8.37
CA ILE C 114 16.65 -14.11 -7.88
C ILE C 114 17.41 -13.32 -8.96
N THR C 115 16.65 -12.70 -9.85
CA THR C 115 17.20 -11.92 -10.94
C THR C 115 16.50 -10.57 -11.09
N GLY C 116 15.22 -10.52 -10.73
CA GLY C 116 14.47 -9.28 -10.82
C GLY C 116 13.31 -9.38 -11.79
N GLU C 117 13.32 -10.41 -12.63
CA GLU C 117 12.24 -10.59 -13.61
C GLU C 117 10.89 -10.77 -12.92
N ARG C 118 9.94 -9.92 -13.29
CA ARG C 118 8.60 -9.96 -12.71
C ARG C 118 7.79 -11.16 -13.22
N PHE C 119 7.10 -11.85 -12.31
CA PHE C 119 6.26 -12.99 -12.68
C PHE C 119 5.06 -13.13 -11.75
N SER C 120 4.05 -13.87 -12.21
CA SER C 120 2.84 -14.15 -11.47
C SER C 120 2.65 -15.65 -11.34
N ILE C 121 1.94 -16.07 -10.30
CA ILE C 121 1.68 -17.47 -10.06
C ILE C 121 0.54 -17.60 -9.07
N SER C 122 -0.16 -18.72 -9.11
CA SER C 122 -1.25 -19.00 -8.20
C SER C 122 -0.80 -20.23 -7.41
N LEU C 123 -1.18 -20.32 -6.14
CA LEU C 123 -0.78 -21.44 -5.31
C LEU C 123 -1.96 -22.00 -4.53
N SER C 124 -1.87 -23.29 -4.18
CA SER C 124 -2.93 -23.95 -3.43
C SER C 124 -2.32 -24.95 -2.45
N ARG C 125 -3.17 -25.66 -1.72
CA ARG C 125 -2.71 -26.65 -0.74
C ARG C 125 -1.52 -26.13 0.09
N LEU C 126 -0.56 -27.01 0.35
CA LEU C 126 0.59 -26.63 1.17
C LEU C 126 1.44 -25.46 0.68
N PRO C 127 1.74 -25.41 -0.63
CA PRO C 127 2.56 -24.29 -1.12
C PRO C 127 1.97 -22.92 -0.75
N ALA C 128 0.63 -22.84 -0.81
CA ALA C 128 -0.08 -21.62 -0.49
C ALA C 128 -0.09 -21.36 1.01
N ARG C 129 -0.04 -22.44 1.77
CA ARG C 129 -0.03 -22.35 3.21
C ARG C 129 1.26 -21.73 3.72
N ILE C 130 2.36 -22.24 3.17
CA ILE C 130 3.72 -21.82 3.51
C ILE C 130 3.94 -20.38 3.10
N PHE C 131 3.51 -20.07 1.88
CA PHE C 131 3.67 -18.74 1.36
C PHE C 131 3.01 -17.66 2.23
N GLN C 132 1.76 -17.86 2.61
CA GLN C 132 1.06 -16.86 3.43
C GLN C 132 1.71 -16.69 4.79
N HIS C 133 2.26 -17.77 5.33
CA HIS C 133 2.92 -17.69 6.61
C HIS C 133 4.14 -16.75 6.48
N GLU C 134 4.97 -17.00 5.46
CA GLU C 134 6.17 -16.20 5.20
C GLU C 134 5.83 -14.77 4.79
N TYR C 135 4.80 -14.64 3.97
CA TYR C 135 4.36 -13.34 3.51
C TYR C 135 3.99 -12.50 4.74
N ASP C 136 3.31 -13.13 5.69
CA ASP C 136 2.93 -12.42 6.92
C ASP C 136 4.22 -11.91 7.56
N HIS C 137 5.25 -12.75 7.54
CA HIS C 137 6.54 -12.39 8.10
C HIS C 137 7.10 -11.12 7.45
N LEU C 138 7.06 -11.07 6.13
CA LEU C 138 7.60 -9.93 5.42
C LEU C 138 6.84 -8.66 5.74
N GLU C 139 5.60 -8.80 6.18
CA GLU C 139 4.78 -7.66 6.53
C GLU C 139 4.67 -7.39 8.02
N GLY C 140 5.65 -7.87 8.78
CA GLY C 140 5.64 -7.66 10.22
C GLY C 140 4.56 -8.42 10.98
N VAL C 141 3.90 -9.36 10.30
CA VAL C 141 2.85 -10.15 10.91
C VAL C 141 3.35 -11.53 11.33
N LEU C 142 2.99 -11.92 12.56
CA LEU C 142 3.39 -13.20 13.13
C LEU C 142 2.19 -14.13 13.24
N PHE C 143 2.39 -15.44 13.23
CA PHE C 143 1.26 -16.35 13.26
C PHE C 143 0.27 -16.32 14.42
N PHE C 144 0.68 -15.93 15.63
CA PHE C 144 -0.32 -15.92 16.70
C PHE C 144 -1.37 -14.85 16.47
N ASP C 145 -1.03 -13.83 15.68
CA ASP C 145 -1.98 -12.77 15.36
C ASP C 145 -3.16 -13.34 14.54
N ARG C 146 -2.92 -14.43 13.82
CA ARG C 146 -3.96 -15.04 12.99
C ARG C 146 -4.85 -16.03 13.73
N MET C 147 -4.40 -16.50 14.89
CA MET C 147 -5.14 -17.46 15.67
C MET C 147 -6.39 -16.86 16.30
N THR C 148 -7.34 -17.72 16.63
CA THR C 148 -8.56 -17.27 17.25
C THR C 148 -8.20 -17.02 18.71
N ASP C 149 -9.14 -16.45 19.46
CA ASP C 149 -8.94 -16.16 20.86
C ASP C 149 -8.73 -17.45 21.64
N GLN C 150 -9.55 -18.45 21.34
CA GLN C 150 -9.47 -19.76 21.99
C GLN C 150 -8.10 -20.38 21.79
N VAL C 151 -7.65 -20.43 20.53
CA VAL C 151 -6.33 -21.00 20.20
C VAL C 151 -5.19 -20.15 20.81
N LEU C 152 -5.33 -18.82 20.79
CA LEU C 152 -4.30 -17.95 21.33
C LEU C 152 -4.17 -18.19 22.82
N ASP C 153 -5.31 -18.34 23.50
CA ASP C 153 -5.26 -18.56 24.94
C ASP C 153 -4.52 -19.84 25.29
N SER C 154 -4.53 -20.82 24.40
CA SER C 154 -3.84 -22.07 24.68
C SER C 154 -2.31 -21.96 24.54
N ILE C 155 -1.82 -20.80 24.09
CA ILE C 155 -0.37 -20.64 23.96
C ILE C 155 0.17 -19.40 24.68
N ARG C 156 -0.69 -18.72 25.43
CA ARG C 156 -0.29 -17.53 26.17
C ARG C 156 0.93 -17.74 27.07
N GLU C 157 0.92 -18.84 27.82
CA GLU C 157 2.01 -19.16 28.72
C GLU C 157 3.32 -19.30 27.95
N GLU C 158 3.32 -20.15 26.92
CA GLU C 158 4.52 -20.32 26.12
C GLU C 158 5.03 -18.99 25.58
N LEU C 159 4.12 -18.13 25.12
CA LEU C 159 4.55 -16.84 24.59
C LEU C 159 5.15 -16.02 25.74
N GLU C 160 4.45 -15.98 26.87
CA GLU C 160 4.95 -15.23 28.02
C GLU C 160 6.33 -15.77 28.43
N ALA C 161 6.51 -17.07 28.30
CA ALA C 161 7.80 -17.69 28.63
C ALA C 161 8.88 -17.06 27.73
N LEU C 162 8.56 -16.90 26.45
CA LEU C 162 9.50 -16.31 25.52
C LEU C 162 9.75 -14.84 25.87
N GLU C 163 8.67 -14.12 26.16
CA GLU C 163 8.78 -12.72 26.53
C GLU C 163 9.68 -12.57 27.76
N LYS C 164 9.64 -13.56 28.64
CA LYS C 164 10.46 -13.55 29.83
C LYS C 164 11.92 -13.81 29.44
N LYS C 165 12.14 -14.77 28.55
CA LYS C 165 13.50 -15.07 28.10
C LYS C 165 14.16 -13.84 27.49
N TYR C 166 13.39 -13.09 26.71
CA TYR C 166 13.92 -11.90 26.08
C TYR C 166 14.32 -10.88 27.14
N GLU C 167 13.51 -10.77 28.19
CA GLU C 167 13.79 -9.82 29.26
C GLU C 167 15.03 -10.17 30.07
N GLU C 168 15.33 -11.44 30.23
CA GLU C 168 16.52 -11.83 30.98
C GLU C 168 17.76 -11.48 30.16
N LYS C 169 17.87 -12.05 28.96
CA LYS C 169 19.02 -11.78 28.09
C LYS C 169 19.14 -10.27 27.92
N THR C 170 18.39 -9.71 26.98
CA THR C 170 18.42 -8.27 26.76
C THR C 170 17.68 -7.64 27.93
N GLY C 171 18.35 -7.54 29.07
CA GLY C 171 17.76 -6.98 30.27
C GLY C 171 16.96 -5.70 30.06
N LEU C 172 15.71 -5.86 29.65
CA LEU C 172 14.82 -4.72 29.42
C LEU C 172 13.38 -5.23 29.39
N PRO C 173 12.40 -4.31 29.32
CA PRO C 173 10.98 -4.70 29.28
C PRO C 173 10.67 -5.28 27.91
N SER C 174 9.96 -6.39 27.88
CA SER C 174 9.58 -7.03 26.61
C SER C 174 8.97 -5.96 25.70
N PRO C 175 9.52 -5.79 24.48
CA PRO C 175 8.99 -4.79 23.55
C PRO C 175 7.52 -5.00 23.27
N GLU C 176 7.08 -6.26 23.29
CA GLU C 176 5.67 -6.55 23.07
C GLU C 176 5.19 -7.63 24.01
N ARG C 177 3.96 -7.48 24.46
CA ARG C 177 3.37 -8.46 25.36
C ARG C 177 2.05 -8.96 24.80
N VAL C 178 1.82 -10.26 25.01
CA VAL C 178 0.59 -10.87 24.55
C VAL C 178 -0.55 -10.50 25.53
N GLU C 179 -0.19 -10.08 26.74
CA GLU C 179 -1.19 -9.67 27.73
C GLU C 179 -2.03 -8.59 27.08
N ALA C 180 -1.34 -7.66 26.42
CA ALA C 180 -2.01 -6.56 25.76
C ALA C 180 -3.01 -7.12 24.75
N MET D 1 33.90 14.34 39.40
CA MET D 1 34.85 14.15 38.26
C MET D 1 34.64 15.29 37.26
N GLU D 2 35.49 15.37 36.24
CA GLU D 2 35.37 16.45 35.27
C GLU D 2 34.86 16.02 33.89
N ILE D 3 33.83 16.73 33.40
CA ILE D 3 33.21 16.45 32.11
C ILE D 3 33.58 17.46 31.03
N VAL D 4 34.02 16.93 29.88
CA VAL D 4 34.44 17.72 28.73
C VAL D 4 33.26 18.24 27.90
N GLU D 5 33.29 19.53 27.55
CA GLU D 5 32.21 20.13 26.78
C GLU D 5 32.67 20.76 25.46
N TYR D 6 31.75 20.83 24.52
CA TYR D 6 32.03 21.43 23.21
C TYR D 6 32.44 22.90 23.42
N PRO D 7 33.43 23.39 22.67
CA PRO D 7 34.21 22.71 21.63
C PRO D 7 35.62 22.35 22.11
N ASP D 8 35.70 21.68 23.25
CA ASP D 8 36.99 21.25 23.79
C ASP D 8 37.55 20.28 22.75
N PRO D 9 38.78 20.55 22.25
CA PRO D 9 39.41 19.69 21.24
C PRO D 9 39.58 18.22 21.62
N ILE D 10 39.29 17.88 22.87
CA ILE D 10 39.41 16.49 23.29
C ILE D 10 38.28 15.66 22.65
N LEU D 11 37.14 16.30 22.44
CA LEU D 11 35.99 15.66 21.83
C LEU D 11 36.22 15.41 20.34
N ARG D 12 37.34 15.90 19.82
CA ARG D 12 37.67 15.76 18.40
C ARG D 12 38.96 14.96 18.15
N ALA D 13 39.75 14.79 19.20
CA ALA D 13 41.01 14.05 19.06
C ALA D 13 40.83 12.57 18.78
N LYS D 14 41.82 11.99 18.12
CA LYS D 14 41.81 10.57 17.78
C LYS D 14 41.86 9.78 19.08
N ASN D 15 41.10 8.69 19.14
CA ASN D 15 41.03 7.84 20.32
C ASN D 15 41.73 6.49 20.07
N LYS D 16 42.62 6.12 21.00
CA LYS D 16 43.39 4.88 20.90
C LYS D 16 42.63 3.61 21.23
N ARG D 17 43.03 2.50 20.61
CA ARG D 17 42.40 1.22 20.87
C ARG D 17 42.99 0.71 22.18
N ILE D 18 42.17 0.03 22.99
CA ILE D 18 42.67 -0.51 24.26
C ILE D 18 43.29 -1.89 24.05
N ASP D 19 44.55 -2.04 24.45
CA ASP D 19 45.24 -3.31 24.28
C ASP D 19 45.18 -4.19 25.51
N ILE D 20 45.14 -3.59 26.70
CA ILE D 20 45.10 -4.38 27.94
C ILE D 20 43.79 -4.27 28.72
N PHE D 21 43.31 -5.42 29.21
CA PHE D 21 42.07 -5.52 29.97
C PHE D 21 42.32 -6.03 31.39
N ASP D 22 42.45 -5.09 32.33
CA ASP D 22 42.73 -5.39 33.73
C ASP D 22 41.89 -4.56 34.70
N GLU D 23 42.27 -4.60 35.98
CA GLU D 23 41.57 -3.87 37.03
C GLU D 23 41.56 -2.37 36.75
N ASN D 24 42.64 -1.86 36.15
CA ASN D 24 42.70 -0.44 35.82
C ASN D 24 41.53 -0.05 34.92
N LEU D 25 41.21 -0.93 33.98
CA LEU D 25 40.12 -0.71 33.04
C LEU D 25 38.79 -0.87 33.77
N LYS D 26 38.75 -1.79 34.72
CA LYS D 26 37.54 -2.04 35.49
C LYS D 26 37.21 -0.78 36.31
N ASN D 27 38.24 -0.16 36.87
CA ASN D 27 38.09 1.05 37.68
C ASN D 27 37.53 2.19 36.82
N LEU D 28 38.07 2.34 35.61
CA LEU D 28 37.60 3.40 34.73
C LEU D 28 36.13 3.22 34.32
N VAL D 29 35.73 1.98 34.05
CA VAL D 29 34.36 1.68 33.66
C VAL D 29 33.41 1.93 34.83
N ASP D 30 33.88 1.57 36.01
CA ASP D 30 33.11 1.75 37.23
C ASP D 30 32.75 3.24 37.35
N ALA D 31 33.79 4.07 37.28
CA ALA D 31 33.66 5.52 37.38
C ALA D 31 32.76 6.10 36.28
N MET D 32 32.94 5.61 35.06
CA MET D 32 32.15 6.08 33.92
C MET D 32 30.67 5.84 34.09
N PHE D 33 30.32 4.70 34.68
CA PHE D 33 28.93 4.39 34.92
C PHE D 33 28.42 5.38 35.96
N ASP D 34 29.17 5.49 37.05
CA ASP D 34 28.86 6.38 38.15
C ASP D 34 28.60 7.78 37.67
N VAL D 35 29.32 8.21 36.64
CA VAL D 35 29.13 9.54 36.09
C VAL D 35 27.89 9.53 35.22
N MET D 36 27.63 8.41 34.58
CA MET D 36 26.47 8.29 33.72
C MET D 36 25.19 8.40 34.54
N TYR D 37 25.19 7.83 35.73
CA TYR D 37 24.01 7.89 36.58
C TYR D 37 23.83 9.28 37.17
N LYS D 38 24.86 9.80 37.83
CA LYS D 38 24.78 11.13 38.42
C LYS D 38 24.31 12.18 37.42
N THR D 39 24.79 12.09 36.19
CA THR D 39 24.40 13.06 35.17
C THR D 39 23.07 12.70 34.51
N ASP D 40 22.44 11.62 34.96
CA ASP D 40 21.16 11.20 34.41
C ASP D 40 21.22 11.01 32.90
N MET D 41 22.24 10.27 32.45
CA MET D 41 22.41 9.97 31.03
C MET D 41 22.24 8.44 30.89
N ILE D 42 22.26 7.95 29.66
CA ILE D 42 22.08 6.53 29.39
C ILE D 42 23.29 5.88 28.72
N GLY D 43 24.21 6.72 28.26
CA GLY D 43 25.41 6.22 27.63
C GLY D 43 26.52 7.23 27.79
N LEU D 44 27.76 6.76 27.79
CA LEU D 44 28.88 7.67 27.95
C LEU D 44 30.12 7.15 27.23
N SER D 45 30.92 8.08 26.69
CA SER D 45 32.15 7.71 25.99
C SER D 45 33.36 8.26 26.74
N ALA D 46 34.49 7.57 26.62
CA ALA D 46 35.71 7.96 27.30
C ALA D 46 36.18 9.39 27.07
N PRO D 47 36.09 9.89 25.83
CA PRO D 47 36.53 11.27 25.56
C PRO D 47 35.80 12.31 26.38
N GLN D 48 34.57 12.02 26.76
CA GLN D 48 33.75 12.96 27.53
C GLN D 48 34.16 13.10 29.00
N VAL D 49 35.09 12.27 29.44
CA VAL D 49 35.59 12.34 30.81
C VAL D 49 37.11 12.52 30.79
N GLY D 50 37.62 13.04 29.67
CA GLY D 50 39.04 13.32 29.53
C GLY D 50 39.97 12.27 28.96
N LEU D 51 39.45 11.07 28.68
CA LEU D 51 40.29 10.01 28.16
C LEU D 51 40.04 9.68 26.69
N ASN D 52 41.07 9.90 25.87
CA ASN D 52 40.97 9.64 24.45
C ASN D 52 41.20 8.17 24.11
N VAL D 53 40.37 7.29 24.66
CA VAL D 53 40.46 5.86 24.41
C VAL D 53 39.13 5.36 23.87
N GLN D 54 39.13 4.17 23.26
CA GLN D 54 37.92 3.58 22.67
C GLN D 54 37.13 2.79 23.72
N LEU D 55 36.44 3.50 24.59
CA LEU D 55 35.68 2.84 25.64
C LEU D 55 34.28 3.44 25.73
N MET D 56 33.29 2.56 25.81
CA MET D 56 31.90 2.97 25.86
C MET D 56 31.17 2.20 26.94
N VAL D 57 30.14 2.81 27.51
CA VAL D 57 29.33 2.16 28.54
C VAL D 57 27.91 2.70 28.49
N PHE D 58 26.93 1.82 28.59
CA PHE D 58 25.54 2.26 28.64
C PHE D 58 24.59 1.18 29.16
N ASN D 59 23.51 1.65 29.77
CA ASN D 59 22.47 0.80 30.32
C ASN D 59 21.20 1.33 29.69
N PRO D 60 20.63 0.59 28.72
CA PRO D 60 19.41 1.00 28.02
C PRO D 60 18.38 1.57 29.00
N ALA D 61 18.12 0.82 30.07
CA ALA D 61 17.16 1.26 31.09
C ALA D 61 17.53 2.64 31.61
N GLY D 62 18.80 2.86 31.89
CA GLY D 62 19.24 4.15 32.39
C GLY D 62 18.94 4.35 33.87
N GLU D 63 18.56 3.28 34.54
CA GLU D 63 18.23 3.34 35.95
C GLU D 63 18.97 2.26 36.72
N PRO D 64 19.46 2.61 37.93
CA PRO D 64 20.19 1.64 38.76
C PRO D 64 19.33 0.42 39.13
N GLY D 65 19.95 -0.76 39.12
CA GLY D 65 19.23 -1.97 39.46
C GLY D 65 18.34 -2.45 38.33
N GLU D 66 18.43 -1.78 37.17
CA GLU D 66 17.62 -2.14 36.02
C GLU D 66 18.47 -2.30 34.76
N GLY D 67 17.83 -2.67 33.66
CA GLY D 67 18.53 -2.86 32.40
C GLY D 67 19.74 -3.75 32.58
N LYS D 68 20.75 -3.52 31.75
CA LYS D 68 21.98 -4.30 31.80
C LYS D 68 23.16 -3.35 31.59
N GLU D 69 24.19 -3.51 32.40
CA GLU D 69 25.37 -2.65 32.26
C GLU D 69 26.29 -3.24 31.20
N ILE D 70 26.21 -2.62 30.02
CA ILE D 70 26.99 -3.05 28.87
C ILE D 70 28.22 -2.18 28.64
N VAL D 71 29.35 -2.85 28.48
CA VAL D 71 30.60 -2.16 28.24
C VAL D 71 31.16 -2.65 26.90
N LEU D 72 31.51 -1.71 26.04
CA LEU D 72 32.05 -2.07 24.73
C LEU D 72 33.43 -1.47 24.49
N VAL D 73 34.42 -2.32 24.32
CA VAL D 73 35.78 -1.86 24.07
C VAL D 73 36.13 -2.07 22.61
N ASN D 74 36.75 -1.05 22.01
CA ASN D 74 37.15 -1.07 20.61
C ASN D 74 36.04 -1.52 19.66
N PRO D 75 34.80 -1.00 19.85
CA PRO D 75 33.68 -1.39 18.99
C PRO D 75 33.80 -0.87 17.56
N LYS D 76 33.52 -1.76 16.61
CA LYS D 76 33.55 -1.42 15.19
C LYS D 76 32.26 -1.95 14.57
N ILE D 77 31.40 -1.03 14.12
CA ILE D 77 30.10 -1.39 13.54
C ILE D 77 30.17 -2.27 12.29
N LYS D 78 29.20 -3.17 12.18
CA LYS D 78 29.11 -4.10 11.06
C LYS D 78 28.08 -3.64 10.03
N LYS D 79 26.89 -3.26 10.50
CA LYS D 79 25.82 -2.79 9.60
C LYS D 79 24.85 -1.85 10.31
N TYR D 80 24.34 -0.88 9.56
CA TYR D 80 23.39 0.11 10.07
C TYR D 80 22.01 -0.13 9.47
N SER D 81 20.98 0.33 10.18
CA SER D 81 19.60 0.21 9.73
C SER D 81 19.39 1.03 8.46
N ASP D 82 18.53 0.55 7.56
CA ASP D 82 18.25 1.28 6.33
C ASP D 82 17.01 2.14 6.51
N LYS D 83 16.31 1.90 7.61
CA LYS D 83 15.11 2.68 7.97
C LYS D 83 15.56 3.70 9.01
N LEU D 84 15.84 4.91 8.54
CA LEU D 84 16.30 6.00 9.40
C LEU D 84 15.16 6.65 10.17
N VAL D 85 15.14 6.45 11.49
CA VAL D 85 14.08 7.02 12.32
C VAL D 85 14.49 8.30 13.05
N PRO D 86 13.70 9.37 12.87
CA PRO D 86 13.95 10.67 13.50
C PRO D 86 13.88 10.54 15.02
N PHE D 87 14.78 11.22 15.72
CA PHE D 87 14.77 11.14 17.18
C PHE D 87 15.56 12.27 17.84
N ASP D 88 14.97 12.88 18.85
CA ASP D 88 15.60 13.97 19.58
C ASP D 88 16.80 13.48 20.37
N GLU D 89 17.78 14.36 20.58
CA GLU D 89 18.98 13.99 21.35
C GLU D 89 19.59 15.14 22.14
N GLY D 90 20.24 14.75 23.22
CA GLY D 90 20.92 15.67 24.09
C GLY D 90 22.28 15.04 24.30
N CYS D 91 23.31 15.88 24.48
CA CYS D 91 24.66 15.39 24.69
C CYS D 91 25.20 16.00 25.97
N LEU D 92 25.82 15.19 26.82
CA LEU D 92 26.39 15.69 28.08
C LEU D 92 27.40 16.78 27.75
N SER D 93 28.04 16.64 26.60
CA SER D 93 29.04 17.59 26.15
C SER D 93 28.44 18.89 25.63
N PHE D 94 27.12 18.90 25.43
CA PHE D 94 26.43 20.09 24.97
C PHE D 94 25.33 20.43 25.94
N PRO D 95 25.70 20.91 27.13
CA PRO D 95 24.68 21.25 28.15
C PRO D 95 23.48 22.04 27.64
N GLY D 96 22.30 21.43 27.75
CA GLY D 96 21.06 22.07 27.35
C GLY D 96 20.65 22.04 25.88
N ILE D 97 21.53 21.60 24.99
CA ILE D 97 21.18 21.58 23.58
C ILE D 97 20.52 20.29 23.10
N TYR D 98 19.26 20.40 22.65
CA TYR D 98 18.50 19.27 22.16
C TYR D 98 17.99 19.58 20.76
N ALA D 99 17.87 18.55 19.93
CA ALA D 99 17.41 18.71 18.55
C ALA D 99 17.09 17.37 17.91
N GLU D 100 16.70 17.40 16.64
CA GLU D 100 16.33 16.20 15.90
C GLU D 100 17.51 15.58 15.16
N VAL D 101 17.69 14.27 15.34
CA VAL D 101 18.78 13.56 14.70
C VAL D 101 18.28 12.25 14.07
N VAL D 102 18.26 12.20 12.74
CA VAL D 102 17.83 11.01 12.04
C VAL D 102 18.96 10.00 11.95
N ARG D 103 18.73 8.83 12.53
CA ARG D 103 19.72 7.76 12.56
C ARG D 103 19.11 6.42 12.19
N PRO D 104 19.95 5.47 11.74
CA PRO D 104 19.42 4.15 11.38
C PRO D 104 18.70 3.61 12.63
N GLN D 105 17.54 3.00 12.43
CA GLN D 105 16.72 2.47 13.52
C GLN D 105 17.39 1.38 14.35
N SER D 106 18.17 0.53 13.71
CA SER D 106 18.85 -0.57 14.40
C SER D 106 20.26 -0.74 13.88
N VAL D 107 21.07 -1.49 14.63
CA VAL D 107 22.46 -1.73 14.27
C VAL D 107 22.99 -3.10 14.71
N LYS D 108 24.01 -3.56 13.99
CA LYS D 108 24.69 -4.84 14.23
C LYS D 108 26.15 -4.46 14.52
N ILE D 109 26.66 -4.89 15.67
CA ILE D 109 28.01 -4.53 16.08
C ILE D 109 28.92 -5.68 16.51
N ASP D 110 30.22 -5.37 16.57
CA ASP D 110 31.26 -6.31 17.00
C ASP D 110 32.17 -5.55 17.96
N ALA D 111 32.24 -6.01 19.20
CA ALA D 111 33.08 -5.35 20.19
C ALA D 111 33.73 -6.31 21.16
N ARG D 112 34.35 -5.75 22.19
CA ARG D 112 35.00 -6.56 23.21
C ARG D 112 34.50 -6.14 24.59
N ASP D 113 34.45 -7.09 25.52
CA ASP D 113 33.98 -6.78 26.86
C ASP D 113 35.12 -6.36 27.77
N ILE D 114 34.79 -6.11 29.03
CA ILE D 114 35.79 -5.65 29.99
C ILE D 114 37.01 -6.58 30.11
N THR D 115 36.81 -7.87 29.85
CA THR D 115 37.88 -8.86 29.92
C THR D 115 38.59 -9.04 28.57
N GLY D 116 38.07 -8.41 27.53
CA GLY D 116 38.69 -8.52 26.22
C GLY D 116 38.03 -9.52 25.29
N GLU D 117 37.16 -10.37 25.83
CA GLU D 117 36.48 -11.37 25.01
C GLU D 117 35.60 -10.71 23.95
N ARG D 118 35.57 -11.31 22.77
CA ARG D 118 34.77 -10.80 21.66
C ARG D 118 33.30 -11.18 21.77
N PHE D 119 32.43 -10.30 21.28
CA PHE D 119 31.00 -10.58 21.29
C PHE D 119 30.31 -9.67 20.29
N SER D 120 29.16 -10.10 19.79
CA SER D 120 28.39 -9.33 18.82
C SER D 120 26.99 -9.09 19.34
N ILE D 121 26.28 -8.17 18.71
CA ILE D 121 24.91 -7.86 19.11
C ILE D 121 24.12 -7.24 17.96
N SER D 122 22.94 -6.74 18.30
CA SER D 122 22.04 -6.09 17.36
C SER D 122 21.14 -5.18 18.19
N LEU D 123 21.29 -3.87 18.03
CA LEU D 123 20.46 -2.93 18.78
C LEU D 123 19.26 -2.47 17.98
N SER D 124 18.32 -1.85 18.68
CA SER D 124 17.12 -1.34 18.07
C SER D 124 16.46 -0.41 19.08
N ARG D 125 15.46 0.35 18.61
CA ARG D 125 14.76 1.27 19.48
C ARG D 125 15.73 2.16 20.25
N LEU D 126 15.26 2.69 21.38
CA LEU D 126 16.04 3.56 22.23
C LEU D 126 17.50 3.15 22.38
N PRO D 127 17.76 1.86 22.61
CA PRO D 127 19.13 1.37 22.77
C PRO D 127 20.00 1.50 21.52
N ALA D 128 19.39 1.39 20.36
CA ALA D 128 20.13 1.48 19.11
C ALA D 128 20.73 2.87 18.86
N ARG D 129 19.90 3.91 18.99
CA ARG D 129 20.35 5.27 18.76
C ARG D 129 21.47 5.66 19.72
N ILE D 130 21.26 5.38 21.01
CA ILE D 130 22.24 5.73 22.04
C ILE D 130 23.63 5.20 21.76
N PHE D 131 23.73 4.00 21.18
CA PHE D 131 25.04 3.43 20.88
C PHE D 131 25.73 4.22 19.79
N GLN D 132 25.04 4.38 18.66
CA GLN D 132 25.57 5.12 17.52
C GLN D 132 26.04 6.51 17.96
N HIS D 133 25.42 7.03 19.02
CA HIS D 133 25.78 8.32 19.57
C HIS D 133 27.16 8.23 20.24
N GLU D 134 27.32 7.23 21.09
CA GLU D 134 28.58 7.01 21.79
C GLU D 134 29.63 6.61 20.78
N TYR D 135 29.25 5.73 19.87
CA TYR D 135 30.17 5.28 18.84
C TYR D 135 30.75 6.48 18.10
N ASP D 136 29.88 7.44 17.79
CA ASP D 136 30.31 8.63 17.08
C ASP D 136 31.33 9.46 17.86
N HIS D 137 31.26 9.38 19.18
CA HIS D 137 32.19 10.09 20.05
C HIS D 137 33.55 9.45 19.90
N LEU D 138 33.55 8.13 19.87
CA LEU D 138 34.77 7.38 19.73
C LEU D 138 35.50 7.68 18.42
N GLU D 139 34.81 8.29 17.46
CA GLU D 139 35.44 8.61 16.19
C GLU D 139 35.65 10.11 16.01
N GLY D 140 35.37 10.87 17.06
CA GLY D 140 35.55 12.31 16.99
C GLY D 140 34.40 13.02 16.31
N VAL D 141 33.25 12.36 16.23
CA VAL D 141 32.07 12.93 15.59
C VAL D 141 31.01 13.33 16.62
N LEU D 142 30.59 14.60 16.58
CA LEU D 142 29.60 15.11 17.52
C LEU D 142 28.20 15.19 16.89
N PHE D 143 27.19 14.85 17.68
CA PHE D 143 25.82 14.79 17.19
C PHE D 143 25.27 15.91 16.33
N PHE D 144 25.82 17.12 16.42
CA PHE D 144 25.27 18.18 15.57
C PHE D 144 25.79 18.09 14.15
N ASP D 145 26.78 17.22 13.94
CA ASP D 145 27.37 17.01 12.62
C ASP D 145 26.39 16.30 11.70
N ARG D 146 25.53 15.48 12.29
CA ARG D 146 24.56 14.70 11.52
C ARG D 146 23.34 15.52 11.11
N MET D 147 22.79 16.27 12.06
CA MET D 147 21.62 17.12 11.81
C MET D 147 21.65 17.75 10.42
N THR D 148 20.48 18.11 9.91
CA THR D 148 20.39 18.74 8.60
C THR D 148 20.72 20.22 8.70
N ASP D 149 20.97 20.84 7.55
CA ASP D 149 21.30 22.26 7.52
C ASP D 149 20.24 23.13 8.19
N GLN D 150 18.98 22.72 8.12
CA GLN D 150 17.89 23.50 8.72
C GLN D 150 17.89 23.36 10.24
N VAL D 151 17.82 22.12 10.71
CA VAL D 151 17.79 21.84 12.14
C VAL D 151 19.00 22.40 12.88
N LEU D 152 20.15 22.44 12.22
CA LEU D 152 21.34 22.98 12.88
C LEU D 152 21.08 24.41 13.34
N ASP D 153 20.41 25.19 12.48
CA ASP D 153 20.11 26.59 12.78
C ASP D 153 19.27 26.79 14.03
N SER D 154 18.43 25.82 14.35
CA SER D 154 17.58 25.92 15.55
C SER D 154 18.45 25.94 16.81
N ILE D 155 19.69 25.50 16.68
CA ILE D 155 20.61 25.47 17.82
C ILE D 155 21.89 26.29 17.61
N ARG D 156 22.13 26.72 16.37
CA ARG D 156 23.32 27.50 16.02
C ARG D 156 23.74 28.50 17.10
N GLU D 157 22.79 29.32 17.55
CA GLU D 157 23.08 30.32 18.58
C GLU D 157 23.48 29.67 19.90
N GLU D 158 23.01 28.45 20.11
CA GLU D 158 23.33 27.73 21.33
C GLU D 158 24.75 27.16 21.29
N LEU D 159 25.27 26.95 20.09
CA LEU D 159 26.62 26.44 19.94
C LEU D 159 27.58 27.62 20.01
N GLU D 160 27.20 28.74 19.39
CA GLU D 160 28.04 29.92 19.43
C GLU D 160 28.39 30.23 20.87
N ALA D 161 27.36 30.33 21.71
CA ALA D 161 27.52 30.64 23.13
C ALA D 161 28.50 29.69 23.82
N LEU D 162 28.52 28.43 23.39
CA LEU D 162 29.44 27.48 23.98
C LEU D 162 30.84 27.82 23.50
N GLU D 163 30.95 28.16 22.22
CA GLU D 163 32.24 28.52 21.62
C GLU D 163 32.79 29.81 22.23
N LYS D 164 31.91 30.72 22.61
CA LYS D 164 32.37 31.98 23.20
C LYS D 164 32.77 31.74 24.65
N LYS D 165 32.05 30.85 25.32
CA LYS D 165 32.35 30.54 26.71
C LYS D 165 33.76 29.94 26.80
N TYR D 166 34.08 29.07 25.84
CA TYR D 166 35.39 28.43 25.76
C TYR D 166 36.47 29.50 25.65
N GLU D 167 36.28 30.42 24.71
CA GLU D 167 37.23 31.49 24.50
C GLU D 167 37.46 32.32 25.76
N GLU D 168 36.42 32.49 26.58
CA GLU D 168 36.55 33.25 27.81
C GLU D 168 37.33 32.46 28.86
N LYS D 169 36.93 31.20 29.06
CA LYS D 169 37.57 30.31 30.00
C LYS D 169 39.08 30.20 29.67
N THR D 170 39.41 29.71 28.48
CA THR D 170 40.81 29.62 28.08
C THR D 170 41.06 30.98 27.45
N GLY D 171 42.23 31.21 26.88
CA GLY D 171 42.43 32.50 26.24
C GLY D 171 42.58 32.27 24.76
N LEU D 172 42.19 31.06 24.35
CA LEU D 172 42.31 30.63 22.98
C LEU D 172 41.07 30.84 22.14
N PRO D 173 41.24 30.83 20.81
CA PRO D 173 40.11 31.00 19.90
C PRO D 173 39.51 29.60 19.74
N SER D 174 38.18 29.52 19.70
CA SER D 174 37.51 28.24 19.56
C SER D 174 38.10 27.46 18.38
N PRO D 175 38.54 26.21 18.61
CA PRO D 175 39.12 25.39 17.55
C PRO D 175 38.14 25.07 16.42
N GLU D 176 36.85 25.33 16.65
CA GLU D 176 35.83 25.09 15.64
C GLU D 176 34.61 25.99 15.87
N ARG D 177 34.12 26.60 14.79
CA ARG D 177 32.98 27.51 14.85
C ARG D 177 31.85 26.99 13.95
N VAL D 178 30.65 26.87 14.52
CA VAL D 178 29.51 26.39 13.75
C VAL D 178 29.14 27.37 12.64
N GLU D 179 29.41 28.65 12.88
CA GLU D 179 29.11 29.71 11.91
C GLU D 179 29.80 29.50 10.57
N ALA D 180 30.97 28.89 10.60
CA ALA D 180 31.72 28.61 9.39
C ALA D 180 31.24 27.31 8.76
C5 BB2 E . -27.40 -6.01 -18.02
C3 BB2 E . -28.87 -5.91 -17.36
O4 BB2 E . -28.78 -6.87 -16.58
N1 BB2 E . -29.96 -5.16 -17.39
O2 BB2 E . -31.06 -5.46 -16.59
C6 BB2 E . -27.65 -6.92 -19.28
C12 BB2 E . -26.21 -6.97 -19.91
O13 BB2 E . -25.61 -5.91 -20.10
C7 BB2 E . -28.62 -6.23 -20.26
C8 BB2 E . -28.84 -7.20 -21.45
C9 BB2 E . -29.75 -6.66 -22.52
C10 BB2 E . -30.03 -7.81 -23.47
C11 BB2 E . -28.93 -7.91 -24.53
N14 BB2 E . -25.83 -8.27 -20.18
C15 BB2 E . -24.98 -8.23 -21.41
C16 BB2 E . -23.61 -8.90 -20.94
C18 BB2 E . -22.67 -7.89 -20.22
C17 BB2 E . -23.84 -10.14 -20.00
C19 BB2 E . -25.55 -9.06 -22.61
O20 BB2 E . -26.56 -9.71 -22.46
N21 BB2 E . -24.62 -8.74 -23.82
C22 BB2 E . -24.91 -9.36 -25.15
C23 BB2 E . -23.40 -7.87 -24.02
C24 BB2 E . -23.46 -7.46 -25.51
C25 BB2 E . -23.84 -8.83 -26.13
C26 BB2 E . -24.81 -10.90 -25.07
O27 BB2 E . -25.11 -11.49 -26.33
ZN ZN F . -30.91 -7.97 -16.35
ZN ZN G . -21.40 9.79 -12.49
ZN ZN H . -21.37 8.65 -15.59
ZN ZN I . -25.52 -19.73 -28.30
ZN ZN J . -17.03 -4.00 -22.32
C5 BB2 K . -5.74 6.77 -12.49
C3 BB2 K . -4.91 7.93 -13.23
O4 BB2 K . -4.17 7.19 -13.90
N1 BB2 K . -4.85 9.26 -13.34
O2 BB2 K . -3.91 9.90 -14.15
C6 BB2 K . -4.87 6.59 -11.19
C12 BB2 K . -5.64 5.48 -10.43
O13 BB2 K . -6.83 5.67 -10.15
C7 BB2 K . -4.86 7.88 -10.33
C8 BB2 K . -3.96 7.57 -9.12
C9 BB2 K . -3.83 8.70 -8.15
C10 BB2 K . -2.56 8.39 -7.37
C11 BB2 K . -2.92 7.70 -6.05
N14 BB2 K . -4.81 4.43 -10.17
C15 BB2 K . -5.23 3.77 -8.89
C16 BB2 K . -5.26 2.23 -9.25
C18 BB2 K . -6.59 1.86 -9.93
C17 BB2 K . -4.07 1.81 -10.19
C19 BB2 K . -4.22 3.97 -7.71
O20 BB2 K . -3.20 4.60 -7.91
N21 BB2 K . -4.87 3.29 -6.44
C22 BB2 K . -4.14 3.30 -5.14
C23 BB2 K . -6.19 2.58 -6.18
C24 BB2 K . -6.47 2.81 -4.67
C25 BB2 K . -5.05 2.57 -4.11
C26 BB2 K . -2.81 2.48 -5.28
O27 BB2 K . -2.05 2.45 -4.07
ZN ZN L . -2.09 8.64 -14.44
ZN ZN M . -12.47 -0.61 -7.54
ZN ZN N . 17.33 -2.15 -22.82
ZN ZN O . -22.33 9.02 -18.64
C5 BB2 P . 9.11 -22.11 9.47
C3 BB2 P . 8.95 -20.52 9.24
O4 BB2 P . 8.84 -20.18 10.42
N1 BB2 P . 8.97 -19.62 8.28
O2 BB2 P . 8.75 -18.30 8.55
C6 BB2 P . 7.64 -22.64 9.50
C12 BB2 P . 7.86 -24.17 9.66
O13 BB2 P . 8.65 -24.75 8.90
C7 BB2 P . 6.93 -22.37 8.14
C8 BB2 P . 5.48 -22.90 8.30
C9 BB2 P . 4.65 -22.73 7.07
C10 BB2 P . 3.20 -22.88 7.54
C11 BB2 P . 2.75 -24.33 7.43
N14 BB2 P . 7.08 -24.70 10.66
C15 BB2 P . 6.69 -26.07 10.19
C16 BB2 P . 7.30 -27.03 11.32
C18 BB2 P . 8.80 -27.31 11.07
C17 BB2 P . 7.14 -26.42 12.76
C19 BB2 P . 5.15 -26.33 10.14
O20 BB2 P . 4.39 -25.45 10.51
N21 BB2 P . 4.96 -27.75 9.49
C22 BB2 P . 3.58 -28.29 9.27
C23 BB2 P . 5.92 -28.81 8.95
C24 BB2 P . 5.08 -29.54 7.87
C25 BB2 P . 3.74 -29.67 8.61
C26 BB2 P . 2.82 -28.45 10.62
O27 BB2 P . 1.49 -28.94 10.43
ZN ZN Q . 7.48 -18.32 10.72
ZN ZN R . 24.58 -23.55 0.66
ZN ZN S . 12.53 -32.43 8.57
ZN ZN T . -5.27 -30.66 16.25
ZN ZN U . 2.84 -26.28 23.39
C5 BB2 V . 24.62 11.02 27.07
C3 BB2 V . 25.88 11.11 26.08
O4 BB2 V . 25.95 12.35 26.05
N1 BB2 V . 26.75 10.34 25.42
O2 BB2 V . 27.75 10.89 24.62
C6 BB2 V . 23.44 11.05 26.02
C12 BB2 V . 22.19 10.96 26.93
O13 BB2 V . 22.10 10.03 27.73
C7 BB2 V . 23.49 9.81 25.09
C8 BB2 V . 22.32 9.99 24.10
C9 BB2 V . 22.16 8.88 23.11
C10 BB2 V . 21.34 9.48 21.97
C11 BB2 V . 19.89 9.09 22.13
N14 BB2 V . 21.33 11.97 26.64
C15 BB2 V . 19.93 11.44 26.69
C16 BB2 V . 19.21 12.40 27.71
C18 BB2 V . 19.56 12.04 29.17
C17 BB2 V . 19.55 13.91 27.45
C19 BB2 V . 19.17 11.54 25.33
O20 BB2 V . 19.73 12.07 24.38
N21 BB2 V . 17.78 10.83 25.57
C22 BB2 V . 16.79 10.76 24.45
C23 BB2 V . 17.15 10.12 26.76
C24 BB2 V . 16.18 9.09 26.12
C25 BB2 V . 15.56 9.99 25.01
C26 BB2 V . 16.34 12.20 24.06
O27 BB2 V . 15.39 12.21 22.99
ZN ZN W . 27.15 12.81 23.74
ZN ZN X . 31.12 2.75 41.36
ZN ZN Y . 13.02 9.20 38.50
ZN ZN Z . 25.01 33.35 15.69
ZN ZN AA . 16.55 9.44 34.19
#